data_5FTV
#
_entry.id   5FTV
#
_cell.length_a   64.260
_cell.length_b   154.350
_cell.length_c   134.810
_cell.angle_alpha   90.00
_cell.angle_beta   92.40
_cell.angle_gamma   90.00
#
_symmetry.space_group_name_H-M   'C 1 2 1'
#
loop_
_entity.id
_entity.type
_entity.pdbx_description
1 polymer 'GLUCOSE-1-PHOSPHATE THYMIDYLYLTRANSFERASE'
2 non-polymer N-(6-AMINO-1-(4-BROMOBENZYL)-2,4-DIOXO-1,2,3,4-TETRAHYDROPYRIMIDIN-5-YL)-N-METHYLBENZENESULFONAMIDE
3 non-polymer '2-(N-MORPHOLINO)-ETHANESULFONIC ACID'
4 non-polymer 'CHLORIDE ION'
5 water water
#
_entity_poly.entity_id   1
_entity_poly.type   'polypeptide(L)'
_entity_poly.pdbx_seq_one_letter_code
;HHHHHHGSMAMKRKGIILAGGSGTRLHPATLAISKQLLPVYDKPMIYYPLSTLMLAGIREILIISTPQDTPRFQQLLGDG
SNWGLDLQYAVQPSPDGLAQAFLIGESFIGNDLSALVLGDNLYYGHDFHELLGSASQRQTGASVFAYHVLDPERYGVVEF
DQGGKAISLEEKPLEPKSNYAVTGLYFYDQQVVDIARDLKPSPRGELEITDVNRAYLERGQLSVEIMGRGYAWLDTGTHD
SLLEAGQFIATLENRQGLKVACPEEIAYRQKWIDAAQLEKLAAPLAKNGYGQYLKRLLTETVY
;
_entity_poly.pdbx_strand_id   A,B,C,D
#
# COMPACT_ATOMS: atom_id res chain seq x y z
N HIS A 3 -1.15 -9.24 36.99
CA HIS A 3 -2.25 -9.91 36.22
C HIS A 3 -1.82 -11.15 35.46
N HIS A 4 -2.61 -12.21 35.57
CA HIS A 4 -2.17 -13.57 35.18
C HIS A 4 -2.16 -13.82 33.66
N HIS A 5 -1.02 -14.29 33.16
CA HIS A 5 -0.91 -14.82 31.80
C HIS A 5 -0.86 -16.34 31.84
N HIS A 6 -1.01 -16.96 30.69
CA HIS A 6 -1.08 -18.43 30.60
C HIS A 6 -0.23 -18.95 29.46
N LYS A 12 6.67 -19.32 18.19
CA LYS A 12 6.76 -18.79 16.83
C LYS A 12 7.39 -17.41 16.70
N ARG A 13 7.80 -17.13 15.47
CA ARG A 13 8.73 -16.07 15.13
C ARG A 13 8.17 -15.19 14.00
N LYS A 14 8.20 -13.88 14.22
CA LYS A 14 7.74 -12.90 13.26
C LYS A 14 8.94 -12.24 12.58
N GLY A 15 8.75 -11.85 11.33
CA GLY A 15 9.83 -11.29 10.51
C GLY A 15 9.64 -9.80 10.27
N ILE A 16 10.77 -9.10 10.21
CA ILE A 16 10.80 -7.73 9.80
C ILE A 16 11.83 -7.58 8.68
N ILE A 17 11.40 -6.90 7.61
CA ILE A 17 12.29 -6.49 6.56
C ILE A 17 12.43 -4.98 6.63
N LEU A 18 13.63 -4.50 6.94
CA LEU A 18 13.87 -3.06 6.88
C LEU A 18 14.32 -2.65 5.46
N ALA A 19 13.43 -1.94 4.75
CA ALA A 19 13.64 -1.55 3.36
C ALA A 19 13.27 -0.08 3.18
N GLY A 20 13.92 0.78 3.97
CA GLY A 20 13.67 2.22 4.00
C GLY A 20 14.61 3.04 3.12
N GLY A 21 14.98 4.23 3.60
CA GLY A 21 15.86 5.10 2.82
C GLY A 21 17.30 4.62 2.89
N SER A 22 17.97 4.48 1.72
CA SER A 22 19.47 4.53 1.67
C SER A 22 19.98 5.98 1.50
N GLY A 23 19.25 6.94 2.09
CA GLY A 23 19.47 8.37 1.92
C GLY A 23 19.78 8.76 0.49
N THR A 24 20.79 9.62 0.33
CA THR A 24 21.21 10.10 -0.97
C THR A 24 22.42 9.36 -1.53
N ARG A 25 22.83 8.29 -0.87
CA ARG A 25 24.13 7.67 -1.14
C ARG A 25 24.26 7.13 -2.57
N LEU A 26 23.14 6.66 -3.15
CA LEU A 26 23.14 6.08 -4.48
C LEU A 26 22.43 6.97 -5.49
N HIS A 27 22.11 8.20 -5.10
CA HIS A 27 21.57 9.18 -6.02
C HIS A 27 22.59 9.49 -7.11
N PRO A 28 22.15 9.72 -8.35
CA PRO A 28 20.74 9.84 -8.76
C PRO A 28 19.98 8.56 -9.14
N ALA A 29 20.66 7.42 -9.25
CA ALA A 29 20.01 6.13 -9.55
C ALA A 29 18.77 5.86 -8.70
N THR A 30 18.83 6.18 -7.42
CA THR A 30 17.74 5.99 -6.47
C THR A 30 16.84 7.22 -6.21
N LEU A 31 16.91 8.25 -7.05
CA LEU A 31 16.00 9.39 -6.92
C LEU A 31 14.53 9.04 -7.19
N ALA A 32 14.25 8.16 -8.14
CA ALA A 32 12.84 7.87 -8.51
C ALA A 32 12.18 6.71 -7.72
N ILE A 33 13.01 5.82 -7.15
CA ILE A 33 12.56 4.68 -6.33
C ILE A 33 13.59 4.26 -5.31
N SER A 34 13.10 3.60 -4.27
CA SER A 34 13.94 3.08 -3.27
C SER A 34 14.75 1.86 -3.82
N LYS A 35 15.91 1.74 -3.24
CA LYS A 35 16.90 0.76 -3.57
C LYS A 35 16.37 -0.68 -3.58
N GLN A 36 15.49 -0.97 -2.61
CA GLN A 36 15.05 -2.34 -2.37
C GLN A 36 13.98 -2.73 -3.37
N LEU A 37 13.54 -1.80 -4.21
CA LEU A 37 12.78 -2.15 -5.41
C LEU A 37 13.62 -2.21 -6.70
N LEU A 38 14.92 -1.90 -6.68
CA LEU A 38 15.76 -2.05 -7.88
C LEU A 38 15.90 -3.55 -8.10
N PRO A 39 15.97 -3.97 -9.37
CA PRO A 39 16.12 -5.42 -9.55
C PRO A 39 17.53 -5.86 -9.34
N VAL A 40 17.69 -7.08 -8.85
CA VAL A 40 18.95 -7.80 -8.96
C VAL A 40 18.65 -8.87 -9.97
N TYR A 41 19.18 -8.64 -11.17
CA TYR A 41 18.96 -9.44 -12.37
C TYR A 41 17.49 -9.40 -12.75
N ASP A 42 16.73 -10.44 -12.46
CA ASP A 42 15.37 -10.61 -12.99
C ASP A 42 14.28 -10.30 -11.93
N LYS A 43 14.66 -10.02 -10.69
CA LYS A 43 13.66 -9.82 -9.68
C LYS A 43 13.98 -8.67 -8.75
N PRO A 44 12.94 -8.09 -8.15
CA PRO A 44 13.22 -6.95 -7.26
C PRO A 44 14.06 -7.36 -6.06
N MET A 45 14.90 -6.46 -5.59
CA MET A 45 15.84 -6.76 -4.54
C MET A 45 15.20 -7.39 -3.33
N ILE A 46 14.03 -6.87 -2.95
CA ILE A 46 13.38 -7.29 -1.73
C ILE A 46 12.90 -8.75 -1.79
N TYR A 47 12.75 -9.30 -2.99
CA TYR A 47 12.47 -10.76 -3.12
C TYR A 47 13.51 -11.65 -2.40
N TYR A 48 14.78 -11.21 -2.38
CA TYR A 48 15.86 -12.06 -1.81
C TYR A 48 15.76 -12.14 -0.26
N PRO A 49 15.72 -10.98 0.43
CA PRO A 49 15.56 -11.10 1.89
C PRO A 49 14.18 -11.68 2.29
N LEU A 50 13.17 -11.44 1.47
CA LEU A 50 11.83 -11.96 1.74
C LEU A 50 11.90 -13.46 1.70
N SER A 51 12.42 -13.98 0.58
CA SER A 51 12.63 -15.43 0.43
C SER A 51 13.48 -16.02 1.55
N THR A 52 14.41 -15.23 2.08
CA THR A 52 15.28 -15.61 3.19
C THR A 52 14.48 -15.85 4.48
N LEU A 53 13.58 -14.92 4.79
CA LEU A 53 12.66 -15.09 5.92
C LEU A 53 11.77 -16.27 5.72
N MET A 54 11.24 -16.42 4.51
CA MET A 54 10.40 -17.59 4.15
C MET A 54 11.19 -18.89 4.31
N LEU A 55 12.47 -18.86 3.97
CA LEU A 55 13.30 -20.05 4.10
C LEU A 55 13.50 -20.39 5.56
N ALA A 56 13.54 -19.37 6.40
CA ALA A 56 13.59 -19.59 7.82
C ALA A 56 12.26 -20.05 8.43
N GLY A 57 11.22 -20.28 7.60
CA GLY A 57 9.91 -20.76 8.08
C GLY A 57 9.01 -19.65 8.59
N ILE A 58 9.37 -18.38 8.36
CA ILE A 58 8.59 -17.21 8.89
C ILE A 58 7.51 -16.75 7.87
N ARG A 59 6.27 -16.66 8.35
CA ARG A 59 5.11 -16.34 7.50
C ARG A 59 4.44 -15.01 7.78
N GLU A 60 4.49 -14.54 9.03
CA GLU A 60 4.07 -13.17 9.43
C GLU A 60 5.23 -12.19 9.41
N ILE A 61 5.15 -11.25 8.47
CA ILE A 61 6.27 -10.38 8.14
C ILE A 61 5.81 -8.92 8.03
N LEU A 62 6.62 -8.04 8.57
CA LEU A 62 6.36 -6.61 8.54
C LEU A 62 7.40 -6.00 7.61
N ILE A 63 6.93 -5.25 6.63
CA ILE A 63 7.81 -4.58 5.70
C ILE A 63 7.83 -3.13 6.13
N ILE A 64 9.01 -2.61 6.47
CA ILE A 64 9.16 -1.25 6.83
C ILE A 64 9.78 -0.48 5.67
N SER A 65 9.10 0.57 5.20
CA SER A 65 9.67 1.42 4.14
C SER A 65 9.40 2.90 4.38
N THR A 66 9.86 3.75 3.47
CA THR A 66 9.56 5.18 3.52
C THR A 66 8.06 5.37 3.24
N PRO A 67 7.48 6.50 3.71
CA PRO A 67 6.07 6.80 3.36
C PRO A 67 5.85 6.91 1.86
N GLN A 68 6.84 7.42 1.14
CA GLN A 68 6.76 7.60 -0.30
C GLN A 68 6.61 6.24 -0.96
N ASP A 69 7.37 5.24 -0.52
CA ASP A 69 7.44 4.00 -1.28
C ASP A 69 6.57 2.85 -0.78
N THR A 70 5.86 3.04 0.32
CA THR A 70 5.07 1.95 0.89
C THR A 70 4.07 1.40 -0.16
N PRO A 71 3.39 2.29 -0.91
CA PRO A 71 2.48 1.82 -1.97
C PRO A 71 3.10 0.95 -3.06
N ARG A 72 4.34 1.25 -3.45
CA ARG A 72 5.07 0.43 -4.44
C ARG A 72 5.36 -0.99 -3.90
N PHE A 73 5.86 -1.07 -2.67
CA PHE A 73 6.00 -2.36 -1.95
C PHE A 73 4.67 -3.08 -1.86
N GLN A 74 3.60 -2.35 -1.49
CA GLN A 74 2.27 -2.95 -1.38
C GLN A 74 1.73 -3.42 -2.73
N GLN A 75 2.04 -2.66 -3.80
CA GLN A 75 1.62 -3.04 -5.15
C GLN A 75 2.34 -4.33 -5.61
N LEU A 76 3.64 -4.41 -5.31
CA LEU A 76 4.43 -5.58 -5.61
C LEU A 76 4.00 -6.80 -4.81
N LEU A 77 3.76 -6.67 -3.51
CA LEU A 77 3.69 -7.86 -2.64
C LEU A 77 2.32 -8.19 -2.07
N GLY A 78 1.39 -7.24 -2.10
CA GLY A 78 0.05 -7.44 -1.54
C GLY A 78 0.10 -7.74 -0.05
N ASP A 79 -0.87 -8.53 0.38
CA ASP A 79 -0.97 -8.95 1.77
C ASP A 79 -0.27 -10.31 2.01
N GLY A 80 0.38 -10.85 0.97
CA GLY A 80 1.17 -12.05 1.11
C GLY A 80 0.40 -13.34 0.91
N SER A 81 -0.93 -13.26 0.91
CA SER A 81 -1.78 -14.47 0.92
C SER A 81 -1.66 -15.30 -0.37
N ASN A 82 -1.21 -14.72 -1.47
CA ASN A 82 -0.88 -15.54 -2.65
C ASN A 82 0.28 -16.51 -2.45
N TRP A 83 1.17 -16.21 -1.51
CA TRP A 83 2.36 -16.99 -1.28
C TRP A 83 2.29 -17.60 0.12
N GLY A 84 1.10 -17.71 0.69
CA GLY A 84 0.92 -18.33 2.03
C GLY A 84 1.45 -17.53 3.22
N LEU A 85 1.57 -16.23 3.04
CA LEU A 85 2.11 -15.32 4.03
C LEU A 85 1.02 -14.33 4.52
N ASP A 86 1.31 -13.68 5.63
CA ASP A 86 0.63 -12.46 5.96
C ASP A 86 1.62 -11.31 6.05
N LEU A 87 1.43 -10.30 5.21
CA LEU A 87 2.36 -9.19 5.16
C LEU A 87 1.65 -7.96 5.65
N GLN A 88 2.27 -7.29 6.61
CA GLN A 88 1.82 -5.99 7.08
C GLN A 88 2.90 -4.94 6.77
N TYR A 89 2.51 -3.67 6.88
CA TYR A 89 3.34 -2.53 6.41
C TYR A 89 3.47 -1.48 7.49
N ALA A 90 4.66 -0.90 7.58
CA ALA A 90 4.92 0.22 8.42
C ALA A 90 5.88 1.16 7.71
N VAL A 91 5.88 2.42 8.15
CA VAL A 91 6.70 3.46 7.53
C VAL A 91 7.79 3.91 8.48
N GLN A 92 8.90 4.35 7.90
CA GLN A 92 9.98 4.92 8.68
C GLN A 92 10.17 6.36 8.17
N PRO A 93 9.54 7.35 8.83
CA PRO A 93 9.65 8.74 8.36
C PRO A 93 11.10 9.22 8.16
N SER A 94 11.97 8.88 9.10
CA SER A 94 13.35 9.34 9.08
C SER A 94 14.30 8.17 9.31
N PRO A 95 15.41 8.06 8.54
CA PRO A 95 16.31 6.91 8.67
C PRO A 95 17.16 6.98 9.94
N ASP A 96 16.55 6.74 11.10
CA ASP A 96 17.18 6.96 12.39
C ASP A 96 17.89 5.70 12.91
N GLY A 97 18.24 4.74 12.03
CA GLY A 97 19.00 3.53 12.41
C GLY A 97 18.19 2.24 12.33
N LEU A 98 18.88 1.10 12.28
CA LEU A 98 18.25 -0.20 12.07
C LEU A 98 17.46 -0.67 13.33
N ALA A 99 17.98 -0.36 14.52
CA ALA A 99 17.35 -0.78 15.74
C ALA A 99 15.96 -0.20 15.91
N GLN A 100 15.69 0.92 15.22
CA GLN A 100 14.38 1.55 15.20
C GLN A 100 13.24 0.61 14.72
N ALA A 101 13.57 -0.42 13.94
CA ALA A 101 12.59 -1.36 13.46
C ALA A 101 11.74 -1.96 14.57
N PHE A 102 12.35 -2.12 15.76
CA PHE A 102 11.67 -2.71 16.94
C PHE A 102 10.71 -1.77 17.66
N LEU A 103 10.96 -0.46 17.57
CA LEU A 103 9.99 0.52 18.11
C LEU A 103 8.85 0.67 17.11
N ILE A 104 9.16 0.89 15.83
CA ILE A 104 8.13 0.85 14.77
C ILE A 104 7.37 -0.48 14.75
N GLY A 105 8.09 -1.60 14.86
CA GLY A 105 7.47 -2.93 14.87
C GLY A 105 6.96 -3.45 16.22
N GLU A 106 6.87 -2.59 17.24
CA GLU A 106 6.57 -3.07 18.59
C GLU A 106 5.23 -3.81 18.72
N SER A 107 4.16 -3.23 18.21
CA SER A 107 2.86 -3.88 18.30
C SER A 107 2.74 -5.07 17.35
N PHE A 108 3.35 -4.99 16.17
CA PHE A 108 3.45 -6.14 15.27
C PHE A 108 4.10 -7.33 15.97
N ILE A 109 5.25 -7.09 16.62
CA ILE A 109 6.00 -8.17 17.27
C ILE A 109 5.22 -8.80 18.44
N GLY A 110 4.57 -7.94 19.24
CA GLY A 110 3.81 -8.38 20.39
C GLY A 110 4.73 -9.08 21.38
N ASN A 111 4.34 -10.27 21.79
CA ASN A 111 5.08 -11.02 22.76
C ASN A 111 5.82 -12.19 22.09
N ASP A 112 6.08 -12.09 20.78
CA ASP A 112 6.67 -13.17 20.01
C ASP A 112 8.17 -13.01 19.84
N LEU A 113 8.80 -14.06 19.36
CA LEU A 113 10.18 -14.01 18.93
C LEU A 113 10.20 -13.25 17.60
N SER A 114 11.37 -12.82 17.16
CA SER A 114 11.46 -12.07 15.89
C SER A 114 12.74 -12.34 15.13
N ALA A 115 12.70 -11.93 13.86
CA ALA A 115 13.88 -11.90 13.00
C ALA A 115 13.91 -10.63 12.19
N LEU A 116 15.04 -9.95 12.18
CA LEU A 116 15.23 -8.79 11.33
C LEU A 116 16.14 -9.14 10.14
N VAL A 117 15.74 -8.72 8.94
CA VAL A 117 16.60 -8.81 7.77
C VAL A 117 16.64 -7.48 7.00
N LEU A 118 17.84 -7.08 6.60
CA LEU A 118 17.97 -5.92 5.74
C LEU A 118 17.38 -6.21 4.39
N GLY A 119 16.62 -5.25 3.91
CA GLY A 119 15.96 -5.38 2.63
C GLY A 119 16.86 -5.31 1.43
N ASP A 120 18.16 -5.05 1.64
CA ASP A 120 19.15 -5.09 0.55
C ASP A 120 20.22 -6.20 0.68
N ASN A 121 19.96 -7.19 1.50
CA ASN A 121 20.92 -8.30 1.73
C ASN A 121 20.59 -9.58 0.95
N LEU A 122 21.57 -10.04 0.17
CA LEU A 122 21.42 -11.20 -0.67
C LEU A 122 22.29 -12.33 -0.11
N TYR A 123 21.68 -13.51 0.10
CA TYR A 123 22.43 -14.68 0.51
C TYR A 123 22.23 -15.83 -0.47
N TYR A 124 23.23 -16.70 -0.55
CA TYR A 124 23.18 -17.91 -1.35
C TYR A 124 24.12 -18.99 -0.77
N GLY A 125 23.61 -20.20 -0.64
CA GLY A 125 24.47 -21.36 -0.49
C GLY A 125 23.79 -22.62 -0.07
N HIS A 126 24.60 -23.67 -0.02
CA HIS A 126 24.16 -25.01 0.28
C HIS A 126 23.82 -25.14 1.74
N ASP A 127 22.71 -25.81 2.01
CA ASP A 127 22.20 -25.96 3.35
C ASP A 127 21.93 -24.60 4.03
N PHE A 128 21.60 -23.56 3.26
CA PHE A 128 21.19 -22.28 3.84
C PHE A 128 19.94 -22.45 4.73
N HIS A 129 19.04 -23.31 4.29
CA HIS A 129 17.86 -23.68 5.04
C HIS A 129 18.20 -24.16 6.48
N GLU A 130 19.20 -25.02 6.57
CA GLU A 130 19.61 -25.61 7.86
C GLU A 130 20.36 -24.61 8.73
N LEU A 131 21.16 -23.76 8.10
CA LEU A 131 21.79 -22.65 8.81
C LEU A 131 20.77 -21.71 9.43
N LEU A 132 19.75 -21.32 8.67
CA LEU A 132 18.66 -20.52 9.22
C LEU A 132 17.87 -21.27 10.32
N GLY A 133 17.66 -22.58 10.09
CA GLY A 133 16.90 -23.42 11.02
C GLY A 133 17.48 -23.50 12.43
N SER A 134 18.81 -23.56 12.52
CA SER A 134 19.50 -23.58 13.80
C SER A 134 19.41 -22.26 14.57
N ALA A 135 19.43 -21.14 13.85
CA ALA A 135 19.29 -19.84 14.50
C ALA A 135 17.89 -19.64 15.05
N SER A 136 16.89 -19.94 14.23
CA SER A 136 15.49 -19.74 14.63
C SER A 136 15.00 -20.73 15.71
N GLN A 137 15.65 -21.88 15.85
CA GLN A 137 15.30 -22.85 16.92
C GLN A 137 15.76 -22.39 18.30
N ARG A 138 16.78 -21.55 18.35
CA ARG A 138 17.23 -20.93 19.60
C ARG A 138 16.18 -19.94 20.07
N GLN A 139 15.42 -20.31 21.10
CA GLN A 139 14.25 -19.55 21.53
C GLN A 139 14.56 -18.42 22.51
N THR A 140 15.71 -18.47 23.18
CA THR A 140 16.16 -17.36 23.94
C THR A 140 17.49 -16.85 23.40
N GLY A 141 17.79 -15.62 23.76
CA GLY A 141 18.96 -14.97 23.27
C GLY A 141 18.74 -14.49 21.84
N ALA A 142 19.81 -13.88 21.32
CA ALA A 142 19.89 -13.42 19.94
C ALA A 142 20.86 -14.31 19.18
N SER A 143 20.62 -14.44 17.89
CA SER A 143 21.56 -15.15 17.00
C SER A 143 21.93 -14.29 15.80
N VAL A 144 23.23 -14.14 15.56
CA VAL A 144 23.75 -13.44 14.38
C VAL A 144 24.75 -14.31 13.61
N PHE A 145 25.07 -13.85 12.41
CA PHE A 145 25.97 -14.57 11.51
C PHE A 145 27.18 -13.71 11.26
N ALA A 146 28.36 -14.35 11.26
CA ALA A 146 29.66 -13.68 11.03
C ALA A 146 30.24 -14.20 9.73
N TYR A 147 30.65 -13.29 8.86
CA TYR A 147 31.09 -13.61 7.52
C TYR A 147 32.40 -12.92 7.20
N HIS A 148 33.38 -13.70 6.76
CA HIS A 148 34.67 -13.12 6.43
C HIS A 148 34.56 -12.19 5.20
N VAL A 149 35.00 -10.96 5.32
CA VAL A 149 34.98 -9.97 4.21
C VAL A 149 36.31 -9.26 4.08
N LEU A 150 36.51 -8.67 2.91
CA LEU A 150 37.68 -7.88 2.59
C LEU A 150 37.71 -6.57 3.37
N ASP A 151 36.56 -5.98 3.61
CA ASP A 151 36.47 -4.63 4.18
C ASP A 151 35.65 -4.59 5.49
N PRO A 152 36.15 -5.26 6.54
CA PRO A 152 35.39 -5.29 7.81
C PRO A 152 35.10 -3.93 8.48
N GLU A 153 35.98 -2.95 8.26
CA GLU A 153 35.77 -1.51 8.63
C GLU A 153 34.40 -0.93 8.35
N ARG A 154 33.75 -1.44 7.31
CA ARG A 154 32.42 -0.96 6.95
C ARG A 154 31.31 -1.59 7.76
N TYR A 155 31.62 -2.56 8.62
CA TYR A 155 30.57 -3.36 9.21
C TYR A 155 30.69 -3.38 10.71
N GLY A 156 29.73 -4.05 11.34
CA GLY A 156 29.92 -4.52 12.71
C GLY A 156 30.86 -5.69 12.64
N VAL A 157 31.88 -5.69 13.49
CA VAL A 157 32.96 -6.66 13.49
C VAL A 157 32.96 -7.46 14.80
N VAL A 158 33.11 -8.77 14.69
CA VAL A 158 33.07 -9.67 15.83
C VAL A 158 34.51 -10.03 16.11
N GLU A 159 34.94 -9.93 17.36
CA GLU A 159 36.27 -10.42 17.76
C GLU A 159 36.07 -11.77 18.45
N PHE A 160 36.91 -12.75 18.10
CA PHE A 160 36.86 -14.08 18.74
C PHE A 160 38.11 -14.33 19.58
N ASP A 161 37.97 -15.12 20.65
CA ASP A 161 39.15 -15.55 21.45
C ASP A 161 39.76 -16.82 20.81
N GLN A 162 40.80 -17.38 21.42
CA GLN A 162 41.47 -18.58 20.88
C GLN A 162 40.60 -19.83 20.73
N GLY A 163 39.56 -19.96 21.55
CA GLY A 163 38.62 -21.09 21.44
C GLY A 163 37.38 -20.82 20.59
N GLY A 164 37.41 -19.83 19.70
CA GLY A 164 36.26 -19.56 18.85
C GLY A 164 35.17 -18.73 19.48
N LYS A 165 35.30 -18.32 20.73
CA LYS A 165 34.22 -17.62 21.44
C LYS A 165 34.20 -16.10 21.09
N ALA A 166 33.00 -15.58 20.79
CA ALA A 166 32.83 -14.14 20.55
C ALA A 166 33.02 -13.33 21.85
N ILE A 167 33.91 -12.35 21.81
CA ILE A 167 34.24 -11.52 22.97
C ILE A 167 34.08 -10.01 22.80
N SER A 168 34.00 -9.50 21.57
CA SER A 168 33.65 -8.10 21.38
C SER A 168 32.98 -7.84 20.04
N LEU A 169 32.24 -6.74 19.99
CA LEU A 169 31.59 -6.25 18.81
C LEU A 169 31.86 -4.76 18.72
N GLU A 170 32.24 -4.30 17.53
CA GLU A 170 32.53 -2.88 17.29
C GLU A 170 31.95 -2.50 15.97
N GLU A 171 31.25 -1.37 15.96
CA GLU A 171 30.58 -0.88 14.78
C GLU A 171 31.60 -0.05 13.97
N LYS A 172 31.90 -0.49 12.76
CA LYS A 172 32.83 0.24 11.87
C LYS A 172 34.17 0.68 12.50
N PRO A 173 34.86 -0.22 13.17
CA PRO A 173 36.16 0.18 13.70
C PRO A 173 37.17 0.49 12.58
N LEU A 174 37.98 1.51 12.80
CA LEU A 174 39.04 1.87 11.85
C LEU A 174 40.11 0.82 11.77
N GLU A 175 40.31 0.07 12.86
CA GLU A 175 41.31 -1.00 12.89
C GLU A 175 40.57 -2.26 13.39
N PRO A 176 39.92 -2.96 12.46
CA PRO A 176 39.11 -4.13 12.81
C PRO A 176 39.93 -5.20 13.51
N LYS A 177 39.38 -5.77 14.56
CA LYS A 177 40.02 -6.89 15.26
C LYS A 177 39.99 -8.22 14.47
N SER A 178 39.13 -8.30 13.45
CA SER A 178 39.11 -9.46 12.58
C SER A 178 38.46 -9.02 11.29
N ASN A 179 38.39 -9.95 10.36
CA ASN A 179 37.70 -9.71 9.11
C ASN A 179 36.28 -10.22 9.10
N TYR A 180 35.74 -10.56 10.26
CA TYR A 180 34.40 -11.16 10.39
C TYR A 180 33.35 -10.09 10.64
N ALA A 181 32.49 -9.90 9.64
CA ALA A 181 31.46 -8.93 9.66
C ALA A 181 30.14 -9.58 10.07
N VAL A 182 29.33 -8.85 10.85
CA VAL A 182 27.98 -9.28 11.23
C VAL A 182 27.03 -9.03 10.04
N THR A 183 26.39 -10.08 9.54
CA THR A 183 25.53 -9.96 8.36
C THR A 183 24.20 -9.27 8.76
N GLY A 184 23.45 -8.77 7.77
CA GLY A 184 22.21 -8.05 8.04
C GLY A 184 21.02 -8.99 8.21
N LEU A 185 21.20 -10.04 9.02
CA LEU A 185 20.18 -11.01 9.30
C LEU A 185 20.29 -11.36 10.77
N TYR A 186 19.22 -11.16 11.52
CA TYR A 186 19.29 -11.18 12.98
C TYR A 186 18.10 -11.91 13.61
N PHE A 187 18.34 -12.82 14.55
CA PHE A 187 17.27 -13.49 15.28
C PHE A 187 17.24 -13.06 16.75
N TYR A 188 16.04 -12.73 17.28
CA TYR A 188 15.85 -12.17 18.63
C TYR A 188 14.73 -12.83 19.40
N ASP A 189 14.90 -12.89 20.71
CA ASP A 189 13.88 -13.39 21.59
C ASP A 189 13.05 -12.19 22.02
N GLN A 190 12.28 -12.34 23.11
CA GLN A 190 11.31 -11.32 23.52
C GLN A 190 11.91 -10.13 24.22
N GLN A 191 13.23 -10.15 24.51
CA GLN A 191 13.93 -9.02 25.17
C GLN A 191 14.31 -7.85 24.27
N VAL A 192 14.17 -7.99 22.97
CA VAL A 192 14.77 -7.02 22.05
C VAL A 192 14.06 -5.66 22.04
N VAL A 193 12.74 -5.68 22.13
CA VAL A 193 12.00 -4.43 22.09
C VAL A 193 12.46 -3.54 23.25
N ASP A 194 12.58 -4.13 24.45
CA ASP A 194 13.01 -3.38 25.63
C ASP A 194 14.47 -2.88 25.51
N ILE A 195 15.35 -3.73 24.99
CA ILE A 195 16.72 -3.31 24.71
C ILE A 195 16.71 -2.12 23.74
N ALA A 196 15.95 -2.21 22.65
CA ALA A 196 15.91 -1.14 21.64
C ALA A 196 15.29 0.17 22.14
N ARG A 197 14.29 0.04 23.03
CA ARG A 197 13.66 1.21 23.63
C ARG A 197 14.64 2.00 24.48
N ASP A 198 15.55 1.32 25.19
CA ASP A 198 16.50 2.06 26.04
C ASP A 198 17.81 2.50 25.33
N LEU A 199 17.98 2.23 24.04
CA LEU A 199 19.17 2.75 23.32
C LEU A 199 19.19 4.26 23.21
N LYS A 200 20.38 4.84 23.25
CA LYS A 200 20.57 6.26 22.93
C LYS A 200 21.22 6.36 21.54
N PRO A 201 20.85 7.38 20.71
CA PRO A 201 21.49 7.49 19.39
C PRO A 201 23.03 7.50 19.45
N SER A 202 23.67 6.98 18.41
CA SER A 202 25.14 6.99 18.33
C SER A 202 25.59 8.40 17.95
N PRO A 203 26.91 8.67 18.02
CA PRO A 203 27.41 9.96 17.52
C PRO A 203 27.00 10.37 16.08
N ARG A 204 26.67 9.39 15.21
CA ARG A 204 26.05 9.70 13.90
C ARG A 204 24.63 10.24 14.06
N GLY A 205 23.90 9.71 15.04
CA GLY A 205 22.47 10.00 15.23
C GLY A 205 21.62 8.87 14.67
N GLU A 206 21.98 7.64 15.03
CA GLU A 206 21.24 6.43 14.63
C GLU A 206 21.12 5.52 15.82
N LEU A 207 20.01 4.77 15.88
CA LEU A 207 19.85 3.68 16.85
C LEU A 207 20.54 2.43 16.27
N GLU A 208 21.67 2.07 16.89
CA GLU A 208 22.58 1.03 16.37
C GLU A 208 22.15 -0.41 16.65
N ILE A 209 22.03 -1.23 15.61
CA ILE A 209 21.86 -2.68 15.81
C ILE A 209 23.04 -3.31 16.56
N THR A 210 24.24 -2.76 16.39
CA THR A 210 25.41 -3.30 17.08
C THR A 210 25.32 -3.12 18.62
N ASP A 211 24.70 -2.03 19.09
CA ASP A 211 24.43 -1.85 20.54
C ASP A 211 23.44 -2.91 21.05
N VAL A 212 22.38 -3.16 20.30
CA VAL A 212 21.45 -4.25 20.60
C VAL A 212 22.22 -5.57 20.80
N ASN A 213 23.03 -5.92 19.81
CA ASN A 213 23.77 -7.17 19.82
C ASN A 213 24.78 -7.21 20.98
N ARG A 214 25.39 -6.06 21.29
CA ARG A 214 26.30 -5.98 22.44
C ARG A 214 25.59 -6.24 23.79
N ALA A 215 24.34 -5.78 23.90
CA ALA A 215 23.54 -5.97 25.10
C ALA A 215 23.31 -7.46 25.30
N TYR A 216 22.97 -8.17 24.21
CA TYR A 216 22.85 -9.62 24.28
C TYR A 216 24.19 -10.27 24.63
N LEU A 217 25.30 -9.76 24.06
CA LEU A 217 26.64 -10.29 24.37
C LEU A 217 27.01 -10.14 25.86
N GLU A 218 26.67 -8.99 26.43
CA GLU A 218 26.91 -8.72 27.85
C GLU A 218 26.08 -9.60 28.79
N ARG A 219 24.93 -10.11 28.33
CA ARG A 219 24.14 -11.08 29.10
C ARG A 219 24.56 -12.54 28.87
N GLY A 220 25.63 -12.82 28.13
CA GLY A 220 25.96 -14.20 27.76
C GLY A 220 24.90 -14.88 26.93
N GLN A 221 24.18 -14.11 26.11
CA GLN A 221 23.06 -14.64 25.32
C GLN A 221 23.13 -14.30 23.83
N LEU A 222 24.33 -14.01 23.32
CA LEU A 222 24.54 -13.87 21.88
C LEU A 222 25.21 -15.11 21.35
N SER A 223 24.52 -15.82 20.49
CA SER A 223 25.16 -16.81 19.63
C SER A 223 25.63 -16.12 18.34
N VAL A 224 26.91 -16.35 18.02
CA VAL A 224 27.46 -15.96 16.73
C VAL A 224 27.84 -17.22 15.98
N GLU A 225 27.13 -17.52 14.90
CA GLU A 225 27.54 -18.60 14.05
C GLU A 225 28.26 -18.12 12.82
N ILE A 226 29.23 -18.91 12.37
CA ILE A 226 29.96 -18.61 11.18
C ILE A 226 29.08 -18.95 9.97
N MET A 227 28.92 -17.98 9.09
CA MET A 227 28.42 -18.26 7.76
C MET A 227 29.68 -18.40 6.96
N GLY A 228 29.96 -19.64 6.58
CA GLY A 228 31.22 -19.97 5.95
C GLY A 228 31.43 -19.38 4.57
N ARG A 229 32.63 -19.61 4.06
CA ARG A 229 33.10 -19.02 2.82
C ARG A 229 32.45 -19.65 1.61
N GLY A 230 31.90 -20.85 1.80
CA GLY A 230 31.05 -21.51 0.82
C GLY A 230 29.68 -20.88 0.59
N TYR A 231 29.29 -19.93 1.43
CA TYR A 231 28.14 -19.05 1.14
C TYR A 231 28.56 -17.76 0.50
N ALA A 232 27.67 -17.19 -0.32
CA ALA A 232 27.85 -15.85 -0.88
C ALA A 232 26.94 -14.89 -0.14
N TRP A 233 27.53 -13.93 0.56
CA TRP A 233 26.78 -12.80 1.13
C TRP A 233 27.18 -11.61 0.27
N LEU A 234 26.29 -11.20 -0.62
CA LEU A 234 26.64 -10.22 -1.61
C LEU A 234 26.40 -8.80 -1.14
N ASP A 235 27.25 -7.95 -1.67
CA ASP A 235 27.27 -6.56 -1.40
C ASP A 235 26.30 -5.89 -2.36
N THR A 236 25.40 -5.10 -1.81
CA THR A 236 24.61 -4.16 -2.57
C THR A 236 24.91 -2.70 -2.17
N GLY A 237 26.05 -2.46 -1.52
CA GLY A 237 26.38 -1.13 -1.08
C GLY A 237 26.71 -0.07 -2.13
N THR A 238 27.21 -0.47 -3.30
CA THR A 238 27.66 0.45 -4.34
C THR A 238 27.04 0.11 -5.68
N HIS A 239 27.11 1.04 -6.62
CA HIS A 239 26.66 0.78 -7.98
C HIS A 239 27.45 -0.40 -8.58
N ASP A 240 28.75 -0.45 -8.27
CA ASP A 240 29.62 -1.56 -8.73
C ASP A 240 29.22 -2.89 -8.11
N SER A 241 28.96 -2.89 -6.79
CA SER A 241 28.66 -4.14 -6.12
C SER A 241 27.29 -4.64 -6.60
N LEU A 242 26.34 -3.71 -6.76
CA LEU A 242 24.99 -4.03 -7.28
C LEU A 242 25.06 -4.79 -8.61
N LEU A 243 25.88 -4.26 -9.48
CA LEU A 243 26.08 -4.86 -10.78
C LEU A 243 26.67 -6.25 -10.65
N GLU A 244 27.68 -6.43 -9.79
CA GLU A 244 28.21 -7.77 -9.52
C GLU A 244 27.19 -8.74 -8.94
N ALA A 245 26.28 -8.24 -8.10
CA ALA A 245 25.20 -9.06 -7.56
C ALA A 245 24.27 -9.60 -8.66
N GLY A 246 23.85 -8.72 -9.57
CA GLY A 246 23.10 -9.14 -10.76
C GLY A 246 23.81 -10.21 -11.63
N GLN A 247 25.09 -10.00 -11.93
CA GLN A 247 25.94 -10.95 -12.68
CA GLN A 247 25.91 -10.97 -12.70
C GLN A 247 26.08 -12.31 -11.97
N PHE A 248 26.10 -12.28 -10.65
CA PHE A 248 26.29 -13.48 -9.87
C PHE A 248 25.04 -14.34 -9.92
N ILE A 249 23.88 -13.72 -9.73
CA ILE A 249 22.61 -14.40 -9.81
C ILE A 249 22.36 -14.88 -11.23
N ALA A 250 22.60 -14.01 -12.23
CA ALA A 250 22.43 -14.38 -13.63
C ALA A 250 23.24 -15.62 -14.00
N THR A 251 24.48 -15.67 -13.57
CA THR A 251 25.35 -16.85 -13.82
C THR A 251 24.83 -18.13 -13.17
N LEU A 252 24.41 -18.05 -11.91
CA LEU A 252 23.85 -19.24 -11.25
C LEU A 252 22.56 -19.69 -11.93
N GLU A 253 21.71 -18.72 -12.28
CA GLU A 253 20.40 -19.03 -12.85
C GLU A 253 20.42 -19.62 -14.27
N ASN A 254 21.27 -19.08 -15.12
CA ASN A 254 21.47 -19.60 -16.46
C ASN A 254 22.20 -20.93 -16.54
N ARG A 255 23.08 -21.15 -15.60
CA ARG A 255 23.75 -22.43 -15.50
C ARG A 255 22.76 -23.55 -15.13
N GLN A 256 21.90 -23.27 -14.17
CA GLN A 256 21.10 -24.29 -13.48
C GLN A 256 19.72 -24.50 -14.09
N GLY A 257 19.16 -23.47 -14.72
CA GLY A 257 17.72 -23.43 -15.01
C GLY A 257 16.89 -23.49 -13.72
N LEU A 258 17.43 -22.95 -12.63
CA LEU A 258 16.72 -22.82 -11.36
C LEU A 258 16.96 -21.40 -10.92
N LYS A 259 16.04 -20.89 -10.10
CA LYS A 259 16.08 -19.53 -9.62
C LYS A 259 16.54 -19.44 -8.17
N VAL A 260 17.15 -18.29 -7.85
CA VAL A 260 17.49 -17.95 -6.50
C VAL A 260 16.42 -17.02 -5.96
N ALA A 261 15.89 -17.33 -4.79
CA ALA A 261 14.89 -16.47 -4.12
C ALA A 261 13.69 -16.06 -4.99
N CYS A 262 13.14 -17.05 -5.66
CA CYS A 262 11.82 -17.02 -6.23
C CYS A 262 10.84 -17.31 -5.10
N PRO A 263 10.13 -16.29 -4.58
CA PRO A 263 9.24 -16.49 -3.43
C PRO A 263 8.17 -17.53 -3.67
N GLU A 264 7.63 -17.59 -4.88
CA GLU A 264 6.59 -18.58 -5.22
C GLU A 264 7.10 -20.00 -4.96
N GLU A 265 8.34 -20.25 -5.36
CA GLU A 265 8.95 -21.55 -5.20
C GLU A 265 9.13 -21.91 -3.78
N ILE A 266 9.57 -20.94 -2.99
CA ILE A 266 9.84 -21.20 -1.58
C ILE A 266 8.55 -21.52 -0.84
N ALA A 267 7.48 -20.79 -1.13
CA ALA A 267 6.17 -21.12 -0.60
C ALA A 267 5.73 -22.53 -1.01
N TYR A 268 5.86 -22.81 -2.29
CA TYR A 268 5.53 -24.13 -2.82
C TYR A 268 6.30 -25.25 -2.10
N ARG A 269 7.61 -25.12 -1.91
CA ARG A 269 8.41 -26.16 -1.25
C ARG A 269 8.19 -26.25 0.25
N GLN A 270 7.76 -25.14 0.85
CA GLN A 270 7.35 -25.16 2.24
C GLN A 270 5.95 -25.78 2.39
N LYS A 271 5.21 -25.88 1.28
CA LYS A 271 3.85 -26.37 1.25
C LYS A 271 2.90 -25.38 1.93
N TRP A 272 3.25 -24.09 1.89
CA TRP A 272 2.34 -23.00 2.22
C TRP A 272 1.36 -22.73 1.07
N ILE A 273 1.74 -23.10 -0.14
CA ILE A 273 0.84 -23.16 -1.28
C ILE A 273 0.91 -24.51 -1.97
N ASP A 274 -0.17 -24.87 -2.68
CA ASP A 274 -0.25 -26.18 -3.36
C ASP A 274 -0.09 -26.04 -4.87
N ALA A 275 -0.13 -27.15 -5.58
CA ALA A 275 0.03 -27.14 -7.04
C ALA A 275 -0.97 -26.23 -7.76
N ALA A 276 -2.23 -26.30 -7.37
CA ALA A 276 -3.28 -25.49 -8.02
C ALA A 276 -3.05 -23.99 -7.84
N GLN A 277 -2.61 -23.61 -6.63
CA GLN A 277 -2.33 -22.22 -6.28
C GLN A 277 -1.15 -21.69 -7.08
N LEU A 278 -0.09 -22.48 -7.17
CA LEU A 278 1.08 -22.10 -7.95
C LEU A 278 0.72 -21.99 -9.43
N GLU A 279 -0.10 -22.91 -9.94
CA GLU A 279 -0.54 -22.81 -11.34
C GLU A 279 -1.23 -21.49 -11.66
N LYS A 280 -2.06 -21.00 -10.75
CA LYS A 280 -2.71 -19.67 -10.94
C LYS A 280 -1.73 -18.51 -10.96
N LEU A 281 -0.69 -18.58 -10.11
CA LEU A 281 0.35 -17.54 -10.04
C LEU A 281 1.20 -17.48 -11.31
N ALA A 282 1.34 -18.63 -11.98
CA ALA A 282 2.00 -18.69 -13.29
C ALA A 282 1.16 -18.11 -14.43
N ALA A 283 -0.17 -18.19 -14.37
CA ALA A 283 -1.05 -17.62 -15.44
C ALA A 283 -0.70 -16.19 -15.93
N PRO A 284 -0.73 -15.17 -15.05
CA PRO A 284 -0.39 -13.80 -15.52
C PRO A 284 1.02 -13.59 -16.07
N LEU A 285 1.97 -14.48 -15.77
CA LEU A 285 3.35 -14.36 -16.23
C LEU A 285 3.77 -15.40 -17.32
N ALA A 286 2.79 -16.09 -17.94
CA ALA A 286 3.04 -17.23 -18.87
C ALA A 286 3.89 -16.93 -20.10
N LYS A 287 3.87 -15.68 -20.55
CA LYS A 287 4.57 -15.24 -21.76
C LYS A 287 6.00 -14.73 -21.48
N ASN A 288 6.43 -14.73 -20.22
CA ASN A 288 7.85 -14.51 -19.92
C ASN A 288 8.45 -15.74 -19.24
N GLY A 289 9.77 -15.71 -19.04
CA GLY A 289 10.52 -16.79 -18.43
C GLY A 289 10.18 -17.06 -16.98
N TYR A 290 9.72 -16.02 -16.27
CA TYR A 290 9.41 -16.16 -14.83
C TYR A 290 8.14 -17.03 -14.62
N GLY A 291 7.03 -16.68 -15.30
CA GLY A 291 5.85 -17.54 -15.31
C GLY A 291 6.05 -18.93 -15.91
N GLN A 292 6.88 -19.04 -16.96
CA GLN A 292 7.22 -20.35 -17.53
C GLN A 292 8.00 -21.17 -16.50
N TYR A 293 8.91 -20.51 -15.77
CA TYR A 293 9.62 -21.18 -14.67
C TYR A 293 8.68 -21.67 -13.58
N LEU A 294 7.72 -20.84 -13.18
CA LEU A 294 6.71 -21.31 -12.20
C LEU A 294 5.92 -22.57 -12.64
N LYS A 295 5.56 -22.59 -13.92
CA LYS A 295 4.88 -23.71 -14.55
C LYS A 295 5.75 -24.98 -14.57
N ARG A 296 7.04 -24.85 -14.88
CA ARG A 296 7.95 -26.01 -14.84
C ARG A 296 8.06 -26.65 -13.45
N LEU A 297 8.05 -25.83 -12.41
CA LEU A 297 8.08 -26.33 -11.02
C LEU A 297 6.92 -27.30 -10.67
N LEU A 298 5.81 -27.24 -11.39
CA LEU A 298 4.66 -28.11 -11.14
C LEU A 298 4.88 -29.57 -11.50
N THR A 299 5.69 -29.85 -12.53
CA THR A 299 5.93 -31.21 -13.03
C THR A 299 7.41 -31.54 -13.15
N GLU A 300 8.22 -31.06 -12.21
CA GLU A 300 9.61 -31.46 -12.16
C GLU A 300 9.96 -31.81 -10.72
N THR A 301 10.64 -32.92 -10.53
CA THR A 301 11.25 -33.19 -9.24
C THR A 301 12.63 -32.53 -9.22
N VAL A 302 12.86 -31.63 -8.26
CA VAL A 302 14.13 -30.92 -8.09
C VAL A 302 14.60 -31.22 -6.68
N TYR A 303 15.78 -31.83 -6.55
CA TYR A 303 16.28 -32.29 -5.24
C TYR A 303 16.92 -31.14 -4.50
N LYS B 12 14.11 25.53 -35.69
CA LYS B 12 14.19 25.01 -34.28
C LYS B 12 13.43 23.66 -34.07
N ARG B 13 14.07 22.75 -33.33
CA ARG B 13 13.61 21.35 -33.27
C ARG B 13 13.26 21.00 -31.83
N LYS B 14 12.08 20.41 -31.64
CA LYS B 14 11.62 19.95 -30.33
C LYS B 14 11.86 18.45 -30.20
N GLY B 15 12.03 18.01 -28.97
CA GLY B 15 12.28 16.59 -28.66
C GLY B 15 11.14 15.91 -27.93
N ILE B 16 10.98 14.61 -28.18
CA ILE B 16 10.09 13.77 -27.39
C ILE B 16 10.87 12.57 -26.93
N ILE B 17 10.68 12.16 -25.67
CA ILE B 17 11.20 10.87 -25.16
C ILE B 17 9.98 10.00 -24.88
N LEU B 18 9.85 8.89 -25.59
CA LEU B 18 8.78 7.95 -25.31
C LEU B 18 9.30 6.92 -24.31
N ALA B 19 8.83 7.06 -23.07
CA ALA B 19 9.24 6.18 -22.00
C ALA B 19 8.02 5.50 -21.43
N GLY B 20 7.29 4.80 -22.30
CA GLY B 20 6.03 4.15 -21.93
C GLY B 20 6.25 2.74 -21.42
N GLY B 21 5.18 1.97 -21.33
CA GLY B 21 5.21 0.67 -20.66
C GLY B 21 5.80 -0.40 -21.56
N SER B 22 6.53 -1.35 -20.96
CA SER B 22 7.04 -2.54 -21.72
C SER B 22 6.23 -3.82 -21.41
N GLY B 23 4.91 -3.66 -21.29
CA GLY B 23 4.00 -4.75 -20.96
C GLY B 23 4.32 -5.45 -19.65
N THR B 24 4.21 -6.78 -19.66
CA THR B 24 4.64 -7.65 -18.57
C THR B 24 5.96 -8.39 -18.88
N ARG B 25 6.60 -8.03 -19.99
CA ARG B 25 7.79 -8.74 -20.51
C ARG B 25 8.96 -8.92 -19.50
N LEU B 26 9.20 -7.91 -18.66
CA LEU B 26 10.29 -7.92 -17.66
C LEU B 26 9.80 -8.09 -16.20
N HIS B 27 8.53 -8.46 -16.03
CA HIS B 27 7.98 -8.69 -14.67
C HIS B 27 8.66 -9.95 -14.08
N PRO B 28 8.90 -10.00 -12.78
CA PRO B 28 8.46 -9.03 -11.79
C PRO B 28 9.38 -7.83 -11.56
N ALA B 29 10.49 -7.71 -12.29
CA ALA B 29 11.42 -6.60 -12.02
C ALA B 29 10.81 -5.21 -12.30
N THR B 30 9.88 -5.16 -13.24
CA THR B 30 9.22 -3.90 -13.59
C THR B 30 7.80 -3.83 -13.07
N LEU B 31 7.42 -4.72 -12.15
CA LEU B 31 6.10 -4.64 -11.55
C LEU B 31 5.94 -3.31 -10.81
N ALA B 32 6.79 -3.10 -9.83
CA ALA B 32 6.77 -1.90 -8.98
C ALA B 32 6.99 -0.54 -9.69
N ILE B 33 7.70 -0.52 -10.82
CA ILE B 33 8.07 0.74 -11.48
C ILE B 33 8.58 0.53 -12.91
N SER B 34 8.41 1.53 -13.75
CA SER B 34 8.69 1.37 -15.14
C SER B 34 10.20 1.35 -15.36
N LYS B 35 10.54 0.52 -16.34
CA LYS B 35 11.88 0.29 -16.81
C LYS B 35 12.79 1.54 -16.89
N GLN B 36 12.26 2.65 -17.42
CA GLN B 36 13.09 3.80 -17.78
C GLN B 36 13.43 4.68 -16.57
N LEU B 37 12.90 4.31 -15.38
CA LEU B 37 13.33 4.84 -14.08
C LEU B 37 14.33 3.92 -13.33
N LEU B 38 14.56 2.71 -13.84
CA LEU B 38 15.57 1.84 -13.29
C LEU B 38 16.91 2.40 -13.71
N PRO B 39 17.97 2.10 -12.95
CA PRO B 39 19.26 2.59 -13.37
C PRO B 39 19.98 1.71 -14.35
N VAL B 40 20.80 2.35 -15.19
CA VAL B 40 21.90 1.66 -15.85
C VAL B 40 23.14 2.19 -15.11
N TYR B 41 23.78 1.31 -14.35
CA TYR B 41 24.87 1.66 -13.44
C TYR B 41 24.56 2.83 -12.45
N ASP B 42 25.07 4.03 -12.66
CA ASP B 42 24.96 5.11 -11.66
C ASP B 42 23.75 6.01 -11.88
N LYS B 43 23.05 5.86 -13.00
CA LYS B 43 22.00 6.84 -13.29
C LYS B 43 20.73 6.22 -13.87
N PRO B 44 19.61 6.92 -13.71
CA PRO B 44 18.33 6.46 -14.27
C PRO B 44 18.35 6.30 -15.77
N MET B 45 17.86 5.18 -16.28
CA MET B 45 17.86 4.91 -17.70
C MET B 45 17.57 6.12 -18.58
N ILE B 46 16.56 6.90 -18.21
CA ILE B 46 16.15 8.05 -19.00
C ILE B 46 17.23 9.14 -19.12
N TYR B 47 18.23 9.15 -18.23
CA TYR B 47 19.33 10.11 -18.34
C TYR B 47 20.04 9.93 -19.68
N TYR B 48 20.06 8.72 -20.19
CA TYR B 48 20.81 8.42 -21.39
C TYR B 48 20.14 8.97 -22.66
N PRO B 49 18.83 8.70 -22.89
CA PRO B 49 18.19 9.34 -24.04
C PRO B 49 17.97 10.84 -23.91
N LEU B 50 17.74 11.32 -22.69
CA LEU B 50 17.65 12.76 -22.46
C LEU B 50 18.97 13.44 -22.83
N SER B 51 20.07 12.86 -22.35
CA SER B 51 21.39 13.33 -22.72
C SER B 51 21.60 13.32 -24.23
N THR B 52 21.10 12.30 -24.90
CA THR B 52 21.14 12.20 -26.33
C THR B 52 20.42 13.38 -27.03
N LEU B 53 19.24 13.76 -26.56
CA LEU B 53 18.54 14.88 -27.14
C LEU B 53 19.30 16.16 -26.88
N MET B 54 19.87 16.28 -25.68
CA MET B 54 20.59 17.49 -25.31
C MET B 54 21.87 17.64 -26.18
N LEU B 55 22.58 16.52 -26.41
CA LEU B 55 23.74 16.52 -27.31
C LEU B 55 23.32 16.97 -28.73
N ALA B 56 22.12 16.60 -29.17
CA ALA B 56 21.59 17.08 -30.43
C ALA B 56 21.20 18.57 -30.43
N GLY B 57 21.39 19.29 -29.35
CA GLY B 57 21.06 20.70 -29.27
C GLY B 57 19.60 20.98 -28.95
N ILE B 58 18.86 19.96 -28.55
CA ILE B 58 17.42 20.08 -28.32
C ILE B 58 17.20 20.40 -26.85
N ARG B 59 16.51 21.51 -26.57
CA ARG B 59 16.27 21.98 -25.22
C ARG B 59 14.79 21.89 -24.75
N GLU B 60 13.83 21.99 -25.68
CA GLU B 60 12.41 21.79 -25.36
C GLU B 60 12.01 20.35 -25.66
N ILE B 61 11.54 19.64 -24.63
CA ILE B 61 11.45 18.20 -24.66
C ILE B 61 10.20 17.75 -23.91
N LEU B 62 9.47 16.81 -24.52
CA LEU B 62 8.26 16.23 -23.96
C LEU B 62 8.57 14.80 -23.54
N ILE B 63 8.20 14.49 -22.31
CA ILE B 63 8.40 13.17 -21.75
C ILE B 63 7.04 12.51 -21.64
N ILE B 64 6.90 11.38 -22.34
CA ILE B 64 5.69 10.59 -22.35
C ILE B 64 5.95 9.29 -21.62
N SER B 65 5.18 9.03 -20.56
CA SER B 65 5.27 7.80 -19.74
C SER B 65 3.87 7.27 -19.52
N THR B 66 3.74 6.15 -18.81
CA THR B 66 2.43 5.61 -18.41
C THR B 66 1.75 6.62 -17.49
N PRO B 67 0.43 6.51 -17.32
CA PRO B 67 -0.19 7.44 -16.35
C PRO B 67 0.30 7.25 -14.91
N GLN B 68 0.54 6.01 -14.51
CA GLN B 68 1.04 5.77 -13.17
C GLN B 68 2.38 6.46 -12.93
N ASP B 69 3.29 6.38 -13.90
CA ASP B 69 4.66 6.84 -13.65
C ASP B 69 5.02 8.29 -14.01
N THR B 70 4.10 9.03 -14.65
CA THR B 70 4.39 10.45 -14.94
C THR B 70 4.76 11.33 -13.73
N PRO B 71 4.08 11.20 -12.58
CA PRO B 71 4.55 11.89 -11.38
C PRO B 71 6.00 11.64 -11.03
N ARG B 72 6.46 10.43 -11.27
CA ARG B 72 7.79 10.08 -10.85
C ARG B 72 8.85 10.63 -11.84
N PHE B 73 8.53 10.66 -13.14
CA PHE B 73 9.41 11.33 -14.11
C PHE B 73 9.46 12.83 -13.80
N GLN B 74 8.31 13.41 -13.46
CA GLN B 74 8.21 14.81 -13.06
C GLN B 74 9.01 15.15 -11.84
N GLN B 75 8.92 14.27 -10.83
CA GLN B 75 9.63 14.44 -9.59
C GLN B 75 11.13 14.30 -9.85
N LEU B 76 11.54 13.37 -10.71
CA LEU B 76 12.96 13.20 -11.02
C LEU B 76 13.58 14.39 -11.77
N LEU B 77 12.86 14.90 -12.75
CA LEU B 77 13.42 15.82 -13.73
C LEU B 77 12.91 17.26 -13.62
N GLY B 78 11.79 17.47 -12.94
CA GLY B 78 11.22 18.81 -12.83
C GLY B 78 10.86 19.41 -14.19
N ASP B 79 10.81 20.75 -14.23
CA ASP B 79 10.53 21.46 -15.49
C ASP B 79 11.80 21.64 -16.37
N GLY B 80 12.95 21.19 -15.89
CA GLY B 80 14.17 21.20 -16.67
C GLY B 80 15.00 22.45 -16.49
N SER B 81 14.46 23.49 -15.86
CA SER B 81 15.09 24.81 -15.82
C SER B 81 16.44 24.82 -15.13
N ASN B 82 16.66 23.92 -14.17
CA ASN B 82 17.98 23.79 -13.51
C ASN B 82 19.10 23.28 -14.41
N TRP B 83 18.72 22.60 -15.50
CA TRP B 83 19.69 22.13 -16.48
C TRP B 83 19.57 22.91 -17.77
N GLY B 84 18.92 24.08 -17.73
CA GLY B 84 18.71 24.88 -18.95
C GLY B 84 17.77 24.33 -20.02
N LEU B 85 16.87 23.43 -19.59
CA LEU B 85 15.85 22.83 -20.46
C LEU B 85 14.46 23.32 -20.10
N ASP B 86 13.51 23.01 -20.94
CA ASP B 86 12.11 23.33 -20.76
C ASP B 86 11.35 22.00 -20.98
N LEU B 87 11.14 21.24 -19.91
CA LEU B 87 10.49 19.96 -19.99
C LEU B 87 8.98 20.05 -19.76
N GLN B 88 8.23 19.28 -20.53
CA GLN B 88 6.81 19.08 -20.35
C GLN B 88 6.57 17.58 -20.29
N TYR B 89 5.34 17.20 -19.96
CA TYR B 89 5.01 15.82 -19.69
C TYR B 89 3.66 15.49 -20.27
N ALA B 90 3.53 14.25 -20.71
CA ALA B 90 2.29 13.76 -21.25
C ALA B 90 2.22 12.27 -21.06
N VAL B 91 1.02 11.72 -21.18
CA VAL B 91 0.78 10.31 -20.85
C VAL B 91 0.37 9.50 -22.07
N GLN B 92 0.78 8.25 -22.08
CA GLN B 92 0.30 7.24 -23.05
C GLN B 92 -0.55 6.23 -22.25
N PRO B 93 -1.89 6.34 -22.31
CA PRO B 93 -2.72 5.43 -21.49
C PRO B 93 -2.51 3.94 -21.78
N SER B 94 -2.23 3.60 -23.03
CA SER B 94 -2.03 2.23 -23.44
C SER B 94 -0.88 2.16 -24.44
N PRO B 95 -0.09 1.08 -24.44
CA PRO B 95 1.00 0.95 -25.41
C PRO B 95 0.53 0.55 -26.82
N ASP B 96 -0.12 1.48 -27.51
CA ASP B 96 -0.67 1.25 -28.84
C ASP B 96 0.30 1.63 -29.99
N GLY B 97 1.60 1.69 -29.69
CA GLY B 97 2.65 1.82 -30.71
C GLY B 97 3.43 3.11 -30.60
N LEU B 98 4.67 3.07 -31.07
CA LEU B 98 5.56 4.24 -30.95
C LEU B 98 5.09 5.49 -31.72
N ALA B 99 4.33 5.34 -32.81
CA ALA B 99 3.84 6.51 -33.59
C ALA B 99 2.80 7.34 -32.83
N GLN B 100 2.21 6.74 -31.81
CA GLN B 100 1.28 7.47 -30.95
C GLN B 100 1.94 8.67 -30.26
N ALA B 101 3.26 8.65 -30.13
CA ALA B 101 4.00 9.81 -29.61
C ALA B 101 3.68 11.12 -30.31
N PHE B 102 3.49 11.05 -31.63
CA PHE B 102 3.18 12.23 -32.46
C PHE B 102 1.74 12.69 -32.36
N LEU B 103 0.81 11.78 -32.03
CA LEU B 103 -0.58 12.18 -31.73
C LEU B 103 -0.69 12.81 -30.35
N ILE B 104 -0.14 12.14 -29.34
CA ILE B 104 -0.13 12.67 -27.97
C ILE B 104 0.63 13.99 -28.00
N GLY B 105 1.77 13.99 -28.68
CA GLY B 105 2.64 15.18 -28.78
C GLY B 105 2.28 16.24 -29.81
N GLU B 106 1.15 16.09 -30.50
CA GLU B 106 0.76 17.00 -31.58
C GLU B 106 0.83 18.49 -31.20
N SER B 107 0.22 18.89 -30.09
CA SER B 107 0.19 20.34 -29.76
C SER B 107 1.55 20.84 -29.23
N PHE B 108 2.28 19.98 -28.52
CA PHE B 108 3.66 20.27 -28.11
C PHE B 108 4.55 20.54 -29.34
N ILE B 109 4.44 19.68 -30.36
CA ILE B 109 5.24 19.84 -31.57
C ILE B 109 4.89 21.16 -32.30
N GLY B 110 3.59 21.44 -32.46
CA GLY B 110 3.15 22.66 -33.11
C GLY B 110 3.54 22.65 -34.58
N ASN B 111 4.18 23.73 -35.02
CA ASN B 111 4.64 23.83 -36.41
C ASN B 111 6.15 23.57 -36.59
N ASP B 112 6.78 22.91 -35.62
CA ASP B 112 8.24 22.83 -35.55
C ASP B 112 8.76 21.51 -36.06
N LEU B 113 10.09 21.44 -36.23
CA LEU B 113 10.73 20.17 -36.50
C LEU B 113 10.72 19.37 -35.19
N SER B 114 10.81 18.05 -35.30
CA SER B 114 10.83 17.20 -34.12
C SER B 114 11.91 16.09 -34.11
N ALA B 115 12.20 15.57 -32.92
CA ALA B 115 12.97 14.35 -32.80
C ALA B 115 12.35 13.48 -31.72
N LEU B 116 12.21 12.19 -32.00
CA LEU B 116 11.78 11.19 -31.07
C LEU B 116 12.96 10.29 -30.68
N VAL B 117 13.15 10.06 -29.38
CA VAL B 117 14.08 9.03 -28.92
C VAL B 117 13.35 8.08 -27.98
N LEU B 118 13.66 6.79 -28.06
CA LEU B 118 13.06 5.86 -27.17
C LEU B 118 13.73 5.95 -25.81
N GLY B 119 12.90 5.85 -24.77
CA GLY B 119 13.34 6.13 -23.41
C GLY B 119 14.29 5.13 -22.79
N ASP B 120 14.51 4.02 -23.48
CA ASP B 120 15.37 2.92 -23.03
C ASP B 120 16.53 2.57 -23.99
N ASN B 121 16.90 3.51 -24.84
CA ASN B 121 17.96 3.36 -25.82
C ASN B 121 19.19 4.08 -25.32
N LEU B 122 20.33 3.38 -25.32
CA LEU B 122 21.62 3.88 -24.90
C LEU B 122 22.55 3.95 -26.11
N TYR B 123 23.18 5.10 -26.30
CA TYR B 123 24.15 5.30 -27.37
C TYR B 123 25.49 5.69 -26.80
N TYR B 124 26.56 5.25 -27.47
CA TYR B 124 27.89 5.74 -27.13
C TYR B 124 28.76 5.78 -28.40
N GLY B 125 29.60 6.81 -28.51
CA GLY B 125 30.68 6.80 -29.52
C GLY B 125 31.31 8.13 -29.81
N HIS B 126 32.46 8.08 -30.47
CA HIS B 126 33.20 9.24 -30.90
C HIS B 126 32.43 10.00 -32.00
N ASP B 127 32.43 11.33 -31.88
CA ASP B 127 31.68 12.19 -32.81
C ASP B 127 30.14 11.88 -32.89
N PHE B 128 29.55 11.40 -31.79
CA PHE B 128 28.09 11.26 -31.68
C PHE B 128 27.43 12.64 -31.85
N HIS B 129 28.03 13.66 -31.29
CA HIS B 129 27.54 15.04 -31.40
C HIS B 129 27.34 15.47 -32.87
N GLU B 130 28.31 15.16 -33.73
CA GLU B 130 28.29 15.54 -35.14
C GLU B 130 27.37 14.62 -35.95
N LEU B 131 27.29 13.35 -35.57
CA LEU B 131 26.29 12.49 -36.16
C LEU B 131 24.86 13.01 -35.89
N LEU B 132 24.58 13.42 -34.67
CA LEU B 132 23.23 13.92 -34.36
C LEU B 132 23.03 15.29 -35.03
N GLY B 133 24.04 16.14 -34.97
CA GLY B 133 24.01 17.45 -35.57
C GLY B 133 23.79 17.51 -37.08
N SER B 134 24.33 16.54 -37.82
CA SER B 134 24.09 16.49 -39.28
C SER B 134 22.65 16.01 -39.56
N ALA B 135 22.13 15.07 -38.76
CA ALA B 135 20.72 14.71 -38.85
C ALA B 135 19.77 15.88 -38.46
N SER B 136 20.02 16.55 -37.35
CA SER B 136 19.14 17.67 -36.93
C SER B 136 19.17 18.92 -37.81
N GLN B 137 20.29 19.16 -38.50
CA GLN B 137 20.43 20.24 -39.51
C GLN B 137 19.64 20.04 -40.81
N ARG B 138 19.31 18.80 -41.13
CA ARG B 138 18.55 18.45 -42.34
C ARG B 138 17.10 18.93 -42.08
N GLN B 139 16.73 20.08 -42.63
CA GLN B 139 15.47 20.75 -42.29
C GLN B 139 14.23 20.14 -42.97
N THR B 140 14.41 19.33 -44.00
CA THR B 140 13.30 18.71 -44.73
C THR B 140 13.50 17.23 -44.65
N GLY B 141 12.43 16.48 -44.81
CA GLY B 141 12.48 15.03 -44.72
C GLY B 141 12.71 14.49 -43.30
N ALA B 142 13.13 13.23 -43.27
CA ALA B 142 13.29 12.46 -42.06
C ALA B 142 14.66 11.81 -42.11
N SER B 143 15.35 11.80 -40.97
CA SER B 143 16.59 11.04 -40.83
C SER B 143 16.46 9.94 -39.75
N VAL B 144 16.90 8.73 -40.08
CA VAL B 144 17.01 7.63 -39.16
C VAL B 144 18.41 7.02 -39.26
N PHE B 145 18.71 6.11 -38.32
CA PHE B 145 19.98 5.43 -38.27
C PHE B 145 19.80 3.91 -38.33
N ALA B 146 20.61 3.25 -39.17
CA ALA B 146 20.66 1.81 -39.34
C ALA B 146 21.98 1.27 -38.76
N TYR B 147 21.86 0.21 -37.98
CA TYR B 147 22.97 -0.31 -37.16
C TYR B 147 22.98 -1.83 -37.32
N HIS B 148 24.16 -2.41 -37.54
CA HIS B 148 24.26 -3.84 -37.75
C HIS B 148 24.06 -4.56 -36.41
N VAL B 149 23.05 -5.44 -36.37
CA VAL B 149 22.76 -6.29 -35.22
C VAL B 149 22.74 -7.78 -35.53
N LEU B 150 22.93 -8.60 -34.48
CA LEU B 150 22.83 -10.05 -34.59
C LEU B 150 21.42 -10.53 -34.93
N ASP B 151 20.39 -9.84 -34.44
CA ASP B 151 19.02 -10.33 -34.38
C ASP B 151 18.06 -9.29 -35.00
N PRO B 152 18.13 -9.07 -36.31
CA PRO B 152 17.34 -7.98 -36.89
C PRO B 152 15.79 -8.17 -36.83
N GLU B 153 15.30 -9.42 -36.79
CA GLU B 153 13.84 -9.77 -36.59
C GLU B 153 13.13 -9.01 -35.51
N ARG B 154 13.86 -8.59 -34.47
CA ARG B 154 13.26 -7.84 -33.37
C ARG B 154 12.98 -6.39 -33.69
N TYR B 155 13.46 -5.88 -34.84
CA TYR B 155 13.41 -4.45 -35.09
C TYR B 155 12.77 -4.11 -36.40
N GLY B 156 12.73 -2.82 -36.70
CA GLY B 156 12.53 -2.33 -38.08
C GLY B 156 13.78 -2.55 -38.92
N VAL B 157 13.65 -3.32 -39.99
CA VAL B 157 14.77 -3.75 -40.79
C VAL B 157 14.87 -2.99 -42.11
N VAL B 158 16.01 -2.34 -42.35
CA VAL B 158 16.26 -1.64 -43.61
C VAL B 158 16.88 -2.61 -44.65
N GLU B 159 16.36 -2.58 -45.87
CA GLU B 159 17.02 -3.23 -47.01
C GLU B 159 17.61 -2.16 -47.91
N PHE B 160 18.87 -2.37 -48.29
CA PHE B 160 19.63 -1.52 -49.19
C PHE B 160 19.85 -2.21 -50.54
N ASP B 161 19.88 -1.45 -51.63
CA ASP B 161 20.32 -1.94 -52.96
C ASP B 161 21.84 -1.91 -53.05
N GLN B 162 22.41 -2.33 -54.20
CA GLN B 162 23.88 -2.45 -54.29
C GLN B 162 24.64 -1.14 -54.26
N GLY B 163 23.96 -0.02 -54.52
CA GLY B 163 24.55 1.33 -54.35
C GLY B 163 24.49 1.91 -52.94
N GLY B 164 24.03 1.11 -51.97
CA GLY B 164 23.84 1.59 -50.60
C GLY B 164 22.56 2.40 -50.38
N LYS B 165 21.60 2.34 -51.30
CA LYS B 165 20.40 3.16 -51.16
C LYS B 165 19.29 2.30 -50.52
N ALA B 166 18.61 2.89 -49.52
CA ALA B 166 17.55 2.16 -48.81
C ALA B 166 16.32 1.97 -49.72
N ILE B 167 15.83 0.75 -49.82
CA ILE B 167 14.71 0.44 -50.70
C ILE B 167 13.49 -0.17 -50.05
N SER B 168 13.61 -0.77 -48.87
CA SER B 168 12.45 -1.20 -48.07
C SER B 168 12.68 -1.16 -46.53
N LEU B 169 11.57 -1.09 -45.81
CA LEU B 169 11.54 -1.19 -44.35
C LEU B 169 10.49 -2.20 -44.02
N GLU B 170 10.83 -3.16 -43.18
CA GLU B 170 9.87 -4.12 -42.65
C GLU B 170 9.99 -4.16 -41.12
N GLU B 171 8.85 -4.05 -40.46
CA GLU B 171 8.79 -4.14 -39.01
C GLU B 171 8.78 -5.62 -38.63
N LYS B 172 9.75 -6.03 -37.81
CA LYS B 172 9.85 -7.40 -37.31
C LYS B 172 9.55 -8.50 -38.34
N PRO B 173 10.29 -8.52 -39.45
CA PRO B 173 10.03 -9.55 -40.45
C PRO B 173 10.53 -10.92 -39.96
N LEU B 174 9.79 -11.97 -40.31
CA LEU B 174 10.20 -13.36 -40.03
C LEU B 174 11.43 -13.75 -40.84
N GLU B 175 11.62 -13.14 -42.01
CA GLU B 175 12.80 -13.36 -42.83
C GLU B 175 13.45 -11.99 -43.16
N PRO B 176 14.30 -11.47 -42.26
CA PRO B 176 14.88 -10.15 -42.49
C PRO B 176 15.74 -10.09 -43.76
N LYS B 177 15.67 -8.96 -44.44
CA LYS B 177 16.36 -8.78 -45.71
C LYS B 177 17.82 -8.43 -45.52
N SER B 178 18.17 -7.83 -44.36
CA SER B 178 19.56 -7.57 -44.01
C SER B 178 19.68 -7.73 -42.51
N ASN B 179 20.87 -7.42 -41.99
CA ASN B 179 21.09 -7.33 -40.53
C ASN B 179 21.05 -5.92 -39.99
N TYR B 180 20.55 -4.98 -40.78
CA TYR B 180 20.47 -3.58 -40.39
C TYR B 180 19.13 -3.22 -39.77
N ALA B 181 19.20 -2.86 -38.48
CA ALA B 181 18.06 -2.46 -37.65
C ALA B 181 18.01 -0.96 -37.59
N VAL B 182 16.83 -0.41 -37.65
CA VAL B 182 16.62 1.03 -37.43
C VAL B 182 16.75 1.30 -35.94
N THR B 183 17.63 2.22 -35.53
CA THR B 183 17.78 2.53 -34.08
C THR B 183 16.57 3.36 -33.56
N GLY B 184 16.51 3.56 -32.25
CA GLY B 184 15.35 4.21 -31.62
C GLY B 184 15.53 5.69 -31.51
N LEU B 185 15.86 6.31 -32.62
CA LEU B 185 16.20 7.71 -32.65
C LEU B 185 15.80 8.27 -34.01
N TYR B 186 14.87 9.22 -33.99
CA TYR B 186 14.21 9.67 -35.22
C TYR B 186 14.07 11.20 -35.26
N PHE B 187 14.49 11.76 -36.39
CA PHE B 187 14.37 13.20 -36.68
C PHE B 187 13.35 13.36 -37.81
N TYR B 188 12.39 14.26 -37.63
CA TYR B 188 11.32 14.47 -38.58
C TYR B 188 11.21 15.92 -38.90
N ASP B 189 10.63 16.22 -40.05
CA ASP B 189 10.26 17.59 -40.41
C ASP B 189 8.80 17.84 -39.94
N GLN B 190 8.15 18.87 -40.51
CA GLN B 190 6.76 19.24 -40.17
C GLN B 190 5.66 18.33 -40.69
N GLN B 191 5.99 17.24 -41.37
CA GLN B 191 5.00 16.34 -41.97
C GLN B 191 4.61 15.16 -41.06
N VAL B 192 5.36 14.92 -39.99
CA VAL B 192 5.19 13.65 -39.26
C VAL B 192 3.83 13.55 -38.57
N VAL B 193 3.40 14.64 -37.93
CA VAL B 193 2.10 14.68 -37.26
C VAL B 193 1.00 14.24 -38.24
N ASP B 194 0.95 14.90 -39.40
CA ASP B 194 -0.07 14.56 -40.42
C ASP B 194 0.02 13.14 -40.97
N ILE B 195 1.24 12.61 -41.03
CA ILE B 195 1.45 11.22 -41.45
C ILE B 195 0.94 10.31 -40.33
N ALA B 196 1.26 10.65 -39.08
CA ALA B 196 0.82 9.84 -37.90
C ALA B 196 -0.71 9.76 -37.76
N ARG B 197 -1.36 10.91 -37.92
CA ARG B 197 -2.81 11.00 -37.93
C ARG B 197 -3.48 10.09 -38.95
N ASP B 198 -2.88 9.86 -40.11
CA ASP B 198 -3.46 8.94 -41.12
C ASP B 198 -3.18 7.46 -40.92
N LEU B 199 -2.29 7.10 -39.98
CA LEU B 199 -1.96 5.70 -39.75
C LEU B 199 -3.15 4.90 -39.27
N LYS B 200 -3.24 3.64 -39.73
CA LYS B 200 -4.14 2.65 -39.15
C LYS B 200 -3.30 1.69 -38.30
N PRO B 201 -3.90 1.12 -37.24
CA PRO B 201 -3.25 0.04 -36.46
C PRO B 201 -2.80 -1.13 -37.33
N SER B 202 -1.63 -1.68 -37.04
CA SER B 202 -1.07 -2.82 -37.78
C SER B 202 -1.80 -4.11 -37.37
N PRO B 203 -1.53 -5.25 -38.06
CA PRO B 203 -2.13 -6.52 -37.60
C PRO B 203 -2.04 -6.77 -36.07
N ARG B 204 -0.88 -6.44 -35.48
CA ARG B 204 -0.62 -6.59 -34.02
C ARG B 204 -1.09 -5.40 -33.14
N GLY B 205 -1.98 -4.54 -33.67
CA GLY B 205 -2.74 -3.56 -32.88
C GLY B 205 -2.06 -2.22 -32.60
N GLU B 206 -1.02 -1.89 -33.37
CA GLU B 206 -0.19 -0.71 -33.06
C GLU B 206 -0.07 0.29 -34.20
N LEU B 207 0.09 1.56 -33.82
CA LEU B 207 0.48 2.60 -34.72
C LEU B 207 2.03 2.56 -34.86
N GLU B 208 2.49 2.08 -36.01
CA GLU B 208 3.90 1.67 -36.21
C GLU B 208 4.78 2.85 -36.60
N ILE B 209 5.84 3.10 -35.83
CA ILE B 209 6.85 4.05 -36.27
C ILE B 209 7.40 3.67 -37.65
N THR B 210 7.50 2.37 -37.96
CA THR B 210 8.01 1.93 -39.26
C THR B 210 7.10 2.39 -40.43
N ASP B 211 5.77 2.43 -40.25
CA ASP B 211 4.88 3.00 -41.29
C ASP B 211 5.08 4.48 -41.48
N VAL B 212 5.41 5.20 -40.42
CA VAL B 212 5.81 6.62 -40.55
C VAL B 212 7.04 6.73 -41.48
N ASN B 213 8.06 5.93 -41.19
CA ASN B 213 9.33 5.98 -41.92
C ASN B 213 9.15 5.49 -43.35
N ARG B 214 8.31 4.47 -43.54
CA ARG B 214 7.91 4.04 -44.88
C ARG B 214 7.19 5.16 -45.69
N ALA B 215 6.38 5.99 -45.05
CA ALA B 215 5.76 7.13 -45.76
C ALA B 215 6.78 8.10 -46.29
N TYR B 216 7.86 8.34 -45.54
CA TYR B 216 8.93 9.21 -46.02
C TYR B 216 9.76 8.50 -47.09
N LEU B 217 10.07 7.22 -46.86
CA LEU B 217 10.80 6.45 -47.90
C LEU B 217 10.10 6.46 -49.28
N GLU B 218 8.79 6.23 -49.30
CA GLU B 218 7.97 6.30 -50.56
C GLU B 218 8.02 7.67 -51.27
N ARG B 219 8.13 8.78 -50.53
CA ARG B 219 8.40 10.11 -51.11
C ARG B 219 9.89 10.43 -51.39
N GLY B 220 10.79 9.44 -51.27
CA GLY B 220 12.22 9.68 -51.45
C GLY B 220 12.81 10.57 -50.37
N GLN B 221 12.13 10.62 -49.21
CA GLN B 221 12.46 11.64 -48.22
C GLN B 221 13.05 11.06 -46.92
N LEU B 222 13.38 9.76 -46.94
CA LEU B 222 14.03 9.10 -45.80
C LEU B 222 15.53 8.98 -45.96
N SER B 223 16.25 9.77 -45.20
CA SER B 223 17.70 9.62 -45.08
C SER B 223 18.00 8.52 -44.04
N VAL B 224 18.40 7.35 -44.53
CA VAL B 224 18.97 6.31 -43.67
C VAL B 224 20.50 6.46 -43.63
N GLU B 225 21.04 6.93 -42.52
CA GLU B 225 22.48 6.93 -42.31
C GLU B 225 22.93 5.73 -41.46
N ILE B 226 24.08 5.18 -41.82
CA ILE B 226 24.65 4.06 -41.08
C ILE B 226 25.23 4.57 -39.79
N MET B 227 24.85 3.94 -38.68
CA MET B 227 25.51 4.16 -37.43
C MET B 227 26.49 3.02 -37.42
N GLY B 228 27.77 3.35 -37.64
CA GLY B 228 28.82 2.36 -37.82
C GLY B 228 29.08 1.48 -36.61
N ARG B 229 29.81 0.40 -36.86
CA ARG B 229 30.20 -0.55 -35.81
C ARG B 229 31.07 0.01 -34.67
N GLY B 230 31.64 1.19 -34.89
CA GLY B 230 32.37 1.90 -33.83
C GLY B 230 31.50 2.62 -32.83
N TYR B 231 30.18 2.64 -33.05
CA TYR B 231 29.23 3.12 -32.06
C TYR B 231 28.67 1.92 -31.33
N ALA B 232 28.45 2.11 -30.04
CA ALA B 232 27.69 1.19 -29.25
C ALA B 232 26.23 1.69 -29.21
N TRP B 233 25.31 0.90 -29.74
CA TRP B 233 23.87 1.08 -29.51
C TRP B 233 23.46 -0.11 -28.61
N LEU B 234 23.26 0.14 -27.31
CA LEU B 234 23.02 -0.98 -26.38
C LEU B 234 21.57 -1.41 -26.23
N ASP B 235 21.47 -2.72 -26.03
CA ASP B 235 20.24 -3.46 -25.91
C ASP B 235 19.75 -3.38 -24.45
N THR B 236 18.56 -2.82 -24.24
CA THR B 236 17.87 -2.86 -22.95
C THR B 236 16.61 -3.76 -22.91
N GLY B 237 16.39 -4.57 -23.93
CA GLY B 237 15.15 -5.35 -24.01
C GLY B 237 15.00 -6.56 -23.08
N THR B 238 16.11 -7.09 -22.54
CA THR B 238 16.06 -8.26 -21.67
C THR B 238 16.80 -8.02 -20.35
N HIS B 239 16.62 -8.93 -19.40
CA HIS B 239 17.35 -8.81 -18.12
C HIS B 239 18.84 -8.92 -18.36
N ASP B 240 19.21 -9.84 -19.25
CA ASP B 240 20.63 -10.09 -19.57
C ASP B 240 21.25 -8.87 -20.26
N SER B 241 20.51 -8.26 -21.18
CA SER B 241 21.04 -7.10 -21.86
C SER B 241 21.09 -5.82 -20.97
N LEU B 242 20.11 -5.66 -20.06
CA LEU B 242 20.07 -4.53 -19.08
C LEU B 242 21.33 -4.58 -18.21
N LEU B 243 21.73 -5.81 -17.90
CA LEU B 243 22.94 -6.09 -17.16
C LEU B 243 24.23 -5.77 -17.92
N GLU B 244 24.42 -6.39 -19.09
CA GLU B 244 25.50 -6.02 -20.03
C GLU B 244 25.70 -4.52 -20.22
N ALA B 245 24.62 -3.73 -20.23
CA ALA B 245 24.70 -2.28 -20.44
C ALA B 245 25.31 -1.58 -19.25
N GLY B 246 24.90 -2.00 -18.06
CA GLY B 246 25.46 -1.50 -16.81
C GLY B 246 26.95 -1.76 -16.75
N GLN B 247 27.35 -2.96 -17.15
CA GLN B 247 28.74 -3.37 -17.15
CA GLN B 247 28.77 -3.34 -17.11
C GLN B 247 29.57 -2.56 -18.17
N PHE B 248 28.94 -2.24 -19.30
CA PHE B 248 29.58 -1.51 -20.38
C PHE B 248 29.81 -0.06 -19.95
N ILE B 249 28.78 0.56 -19.40
CA ILE B 249 28.89 1.89 -18.90
C ILE B 249 29.93 1.93 -17.77
N ALA B 250 29.91 0.96 -16.86
CA ALA B 250 30.80 0.99 -15.69
C ALA B 250 32.27 0.89 -16.09
N THR B 251 32.57 0.00 -17.00
CA THR B 251 33.87 -0.16 -17.58
C THR B 251 34.40 1.14 -18.27
N LEU B 252 33.53 1.89 -18.95
CA LEU B 252 33.92 3.16 -19.56
C LEU B 252 34.22 4.22 -18.53
N GLU B 253 33.30 4.39 -17.59
CA GLU B 253 33.44 5.44 -16.58
C GLU B 253 34.57 5.18 -15.56
N ASN B 254 34.90 3.92 -15.28
CA ASN B 254 35.97 3.61 -14.31
C ASN B 254 37.37 3.67 -14.92
N ARG B 255 37.44 3.40 -16.22
CA ARG B 255 38.65 3.58 -17.01
C ARG B 255 39.01 5.05 -17.18
N GLN B 256 38.01 5.87 -17.52
CA GLN B 256 38.18 7.26 -17.90
C GLN B 256 38.19 8.29 -16.78
N GLY B 257 37.49 8.01 -15.68
CA GLY B 257 37.14 9.06 -14.71
C GLY B 257 36.27 10.12 -15.35
N LEU B 258 35.46 9.72 -16.35
CA LEU B 258 34.52 10.59 -17.06
C LEU B 258 33.21 9.78 -17.22
N LYS B 259 32.07 10.49 -17.24
CA LYS B 259 30.75 9.88 -17.26
C LYS B 259 30.15 9.93 -18.65
N VAL B 260 29.39 8.87 -18.97
CA VAL B 260 28.56 8.80 -20.13
C VAL B 260 27.20 9.35 -19.70
N ALA B 261 26.67 10.31 -20.49
CA ALA B 261 25.27 10.77 -20.41
C ALA B 261 24.88 11.32 -19.05
N CYS B 262 25.77 12.13 -18.48
CA CYS B 262 25.49 12.98 -17.34
C CYS B 262 24.82 14.24 -17.90
N PRO B 263 23.48 14.40 -17.71
CA PRO B 263 22.79 15.59 -18.27
C PRO B 263 23.39 16.93 -17.86
N GLU B 264 23.88 17.05 -16.63
CA GLU B 264 24.40 18.30 -16.13
C GLU B 264 25.67 18.70 -16.89
N GLU B 265 26.53 17.74 -17.18
CA GLU B 265 27.71 17.99 -17.98
C GLU B 265 27.33 18.44 -19.40
N ILE B 266 26.28 17.86 -19.96
CA ILE B 266 25.92 18.17 -21.32
C ILE B 266 25.36 19.57 -21.37
N ALA B 267 24.49 19.90 -20.43
CA ALA B 267 24.02 21.27 -20.29
C ALA B 267 25.22 22.20 -20.18
N TYR B 268 26.17 21.84 -19.31
CA TYR B 268 27.30 22.72 -19.05
C TYR B 268 28.17 22.96 -20.28
N ARG B 269 28.38 21.93 -21.10
CA ARG B 269 29.26 22.08 -22.26
C ARG B 269 28.54 22.72 -23.45
N GLN B 270 27.20 22.58 -23.50
CA GLN B 270 26.37 23.38 -24.41
C GLN B 270 26.29 24.85 -23.97
N LYS B 271 26.69 25.14 -22.74
CA LYS B 271 26.64 26.50 -22.17
C LYS B 271 25.22 26.97 -21.94
N TRP B 272 24.33 26.00 -21.72
CA TRP B 272 22.96 26.24 -21.30
C TRP B 272 22.90 26.56 -19.81
N ILE B 273 23.90 26.13 -19.04
CA ILE B 273 24.11 26.60 -17.66
C ILE B 273 25.56 27.03 -17.56
N ASP B 274 25.82 27.96 -16.65
CA ASP B 274 27.18 28.50 -16.40
C ASP B 274 27.79 27.86 -15.15
N ALA B 275 29.07 28.19 -14.92
CA ALA B 275 29.84 27.65 -13.79
C ALA B 275 29.12 27.74 -12.45
N ALA B 276 28.48 28.87 -12.19
CA ALA B 276 27.84 29.09 -10.89
C ALA B 276 26.69 28.09 -10.68
N GLN B 277 25.84 27.92 -11.69
CA GLN B 277 24.71 27.00 -11.62
C GLN B 277 25.16 25.52 -11.49
N LEU B 278 26.19 25.12 -12.24
CA LEU B 278 26.76 23.78 -12.05
C LEU B 278 27.27 23.56 -10.62
N GLU B 279 27.89 24.58 -10.03
CA GLU B 279 28.39 24.49 -8.65
C GLU B 279 27.25 24.17 -7.68
N LYS B 280 26.14 24.88 -7.84
CA LYS B 280 24.95 24.68 -7.05
C LYS B 280 24.36 23.29 -7.23
N LEU B 281 24.37 22.79 -8.47
CA LEU B 281 23.88 21.43 -8.76
C LEU B 281 24.71 20.33 -8.08
N ALA B 282 26.01 20.59 -7.93
CA ALA B 282 26.94 19.67 -7.27
C ALA B 282 26.82 19.64 -5.75
N ALA B 283 26.11 20.60 -5.16
CA ALA B 283 26.00 20.71 -3.68
C ALA B 283 25.20 19.58 -3.01
N PRO B 284 23.95 19.31 -3.45
CA PRO B 284 23.17 18.28 -2.72
C PRO B 284 23.76 16.90 -2.79
N LEU B 285 24.53 16.61 -3.84
CA LEU B 285 25.18 15.32 -4.05
C LEU B 285 26.67 15.30 -3.63
N ALA B 286 27.16 16.34 -2.93
CA ALA B 286 28.62 16.51 -2.63
C ALA B 286 29.29 15.31 -1.95
N LYS B 287 28.54 14.60 -1.10
CA LYS B 287 29.06 13.45 -0.35
C LYS B 287 29.22 12.15 -1.17
N ASN B 288 28.61 12.07 -2.35
CA ASN B 288 28.83 10.91 -3.24
C ASN B 288 29.67 11.26 -4.47
N GLY B 289 30.01 10.24 -5.26
CA GLY B 289 30.82 10.37 -6.43
C GLY B 289 30.20 11.22 -7.51
N TYR B 290 28.86 11.20 -7.60
CA TYR B 290 28.16 11.90 -8.66
C TYR B 290 28.31 13.43 -8.49
N GLY B 291 28.12 13.95 -7.29
CA GLY B 291 28.35 15.37 -7.03
C GLY B 291 29.83 15.76 -7.05
N GLN B 292 30.69 14.84 -6.60
CA GLN B 292 32.14 15.08 -6.66
C GLN B 292 32.54 15.26 -8.13
N TYR B 293 32.01 14.39 -8.99
CA TYR B 293 32.18 14.48 -10.43
C TYR B 293 31.76 15.82 -10.99
N LEU B 294 30.60 16.30 -10.60
CA LEU B 294 30.15 17.60 -11.06
C LEU B 294 31.07 18.76 -10.64
N LYS B 295 31.52 18.71 -9.38
CA LYS B 295 32.44 19.70 -8.82
C LYS B 295 33.76 19.71 -9.61
N ARG B 296 34.33 18.53 -9.86
CA ARG B 296 35.56 18.42 -10.65
C ARG B 296 35.43 18.97 -12.07
N LEU B 297 34.23 18.93 -12.68
CA LEU B 297 34.04 19.52 -14.01
C LEU B 297 34.29 21.04 -14.07
N LEU B 298 34.09 21.75 -12.96
CA LEU B 298 34.30 23.22 -12.88
C LEU B 298 35.73 23.69 -13.15
N THR B 299 36.73 22.89 -12.74
CA THR B 299 38.14 23.27 -12.80
C THR B 299 39.00 22.23 -13.54
N GLU B 300 38.41 21.38 -14.36
CA GLU B 300 39.18 20.49 -15.22
C GLU B 300 38.78 20.73 -16.66
N THR B 301 39.78 20.89 -17.51
CA THR B 301 39.61 20.98 -18.94
C THR B 301 39.58 19.56 -19.49
N VAL B 302 38.48 19.19 -20.15
CA VAL B 302 38.33 17.85 -20.74
C VAL B 302 38.07 18.10 -22.20
N TYR B 303 38.93 17.55 -23.05
CA TYR B 303 38.84 17.79 -24.50
C TYR B 303 37.82 16.84 -25.10
N HIS C 2 13.98 32.45 -17.16
CA HIS C 2 13.94 31.38 -16.11
C HIS C 2 12.83 30.33 -16.35
N HIS C 3 11.57 30.75 -16.18
CA HIS C 3 10.41 29.86 -16.24
C HIS C 3 9.42 30.21 -17.36
N HIS C 4 8.97 29.17 -18.05
CA HIS C 4 8.14 29.28 -19.24
C HIS C 4 6.87 28.50 -18.97
N HIS C 5 5.70 29.08 -19.31
CA HIS C 5 4.40 28.48 -18.98
C HIS C 5 3.73 28.02 -20.27
N HIS C 6 2.99 26.90 -20.22
CA HIS C 6 2.39 26.28 -21.43
C HIS C 6 0.88 26.04 -21.28
N LYS C 12 -3.01 25.40 -11.56
CA LYS C 12 -3.44 24.07 -11.12
C LYS C 12 -3.48 23.90 -9.58
N ARG C 13 -4.41 23.07 -9.09
CA ARG C 13 -4.77 23.09 -7.66
C ARG C 13 -4.55 21.73 -7.07
N LYS C 14 -3.88 21.68 -5.92
CA LYS C 14 -3.56 20.40 -5.25
C LYS C 14 -4.42 20.25 -4.02
N GLY C 15 -4.71 19.01 -3.67
CA GLY C 15 -5.55 18.71 -2.53
C GLY C 15 -4.78 18.16 -1.37
N ILE C 16 -5.29 18.40 -0.16
CA ILE C 16 -4.81 17.82 1.09
C ILE C 16 -6.01 17.33 1.91
N ILE C 17 -5.96 16.07 2.34
CA ILE C 17 -6.94 15.52 3.27
C ILE C 17 -6.20 15.31 4.56
N LEU C 18 -6.68 15.97 5.60
CA LEU C 18 -6.12 15.81 6.89
C LEU C 18 -6.98 14.74 7.56
N ALA C 19 -6.42 13.52 7.66
CA ALA C 19 -7.08 12.36 8.29
C ALA C 19 -6.33 12.04 9.57
N GLY C 20 -6.35 12.97 10.51
CA GLY C 20 -5.52 12.92 11.70
C GLY C 20 -6.02 12.01 12.80
N GLY C 21 -5.28 11.99 13.89
CA GLY C 21 -5.64 11.24 15.07
C GLY C 21 -6.72 11.99 15.83
N SER C 22 -7.85 11.29 16.05
CA SER C 22 -8.94 11.77 16.93
C SER C 22 -8.73 11.30 18.39
N GLY C 23 -7.46 11.15 18.77
CA GLY C 23 -7.05 10.67 20.08
C GLY C 23 -7.81 9.44 20.54
N THR C 24 -8.50 9.59 21.67
CA THR C 24 -9.22 8.52 22.34
C THR C 24 -10.74 8.79 22.44
N ARG C 25 -11.22 9.85 21.76
CA ARG C 25 -12.62 10.32 21.86
C ARG C 25 -13.64 9.25 21.51
N LEU C 26 -13.35 8.47 20.46
CA LEU C 26 -14.26 7.42 19.94
C LEU C 26 -13.86 5.98 20.32
N HIS C 27 -12.87 5.81 21.22
CA HIS C 27 -12.50 4.49 21.74
C HIS C 27 -13.74 3.87 22.40
N PRO C 28 -13.91 2.54 22.33
CA PRO C 28 -12.97 1.58 21.76
C PRO C 28 -13.13 1.28 20.26
N ALA C 29 -14.23 1.70 19.60
CA ALA C 29 -14.42 1.45 18.16
C ALA C 29 -13.16 1.76 17.34
N THR C 30 -12.49 2.86 17.69
CA THR C 30 -11.27 3.33 17.02
C THR C 30 -9.94 2.77 17.58
N LEU C 31 -9.97 1.95 18.63
CA LEU C 31 -8.78 1.15 19.01
C LEU C 31 -8.33 0.22 17.86
N ALA C 32 -9.28 -0.30 17.09
CA ALA C 32 -9.00 -1.16 15.93
C ALA C 32 -8.56 -0.44 14.63
N ILE C 33 -9.02 0.81 14.39
CA ILE C 33 -8.53 1.70 13.27
C ILE C 33 -8.86 3.18 13.47
N SER C 34 -8.10 4.06 12.80
CA SER C 34 -8.42 5.50 12.78
C SER C 34 -9.82 5.77 12.21
N LYS C 35 -10.36 6.88 12.67
CA LYS C 35 -11.71 7.28 12.44
C LYS C 35 -12.06 7.32 10.96
N GLN C 36 -11.13 7.78 10.12
CA GLN C 36 -11.45 7.99 8.71
C GLN C 36 -11.35 6.70 7.90
N LEU C 37 -11.01 5.60 8.56
CA LEU C 37 -11.19 4.25 8.03
C LEU C 37 -12.45 3.55 8.44
N LEU C 38 -13.19 4.06 9.41
CA LEU C 38 -14.49 3.48 9.75
C LEU C 38 -15.48 3.76 8.62
N PRO C 39 -16.39 2.84 8.38
CA PRO C 39 -17.26 3.11 7.25
C PRO C 39 -18.45 4.03 7.60
N VAL C 40 -18.88 4.82 6.62
CA VAL C 40 -20.17 5.48 6.65
C VAL C 40 -21.07 4.65 5.73
N TYR C 41 -22.00 3.92 6.34
CA TYR C 41 -22.77 2.86 5.63
C TYR C 41 -21.85 1.77 4.96
N ASP C 42 -21.52 1.92 3.68
CA ASP C 42 -20.88 0.90 2.88
C ASP C 42 -19.46 1.25 2.42
N LYS C 43 -18.96 2.44 2.77
CA LYS C 43 -17.64 2.85 2.32
C LYS C 43 -16.80 3.52 3.40
N PRO C 44 -15.48 3.26 3.41
CA PRO C 44 -14.63 3.97 4.37
C PRO C 44 -14.89 5.48 4.35
N MET C 45 -14.89 6.08 5.54
CA MET C 45 -15.19 7.51 5.67
C MET C 45 -14.38 8.39 4.72
N ILE C 46 -13.11 8.04 4.52
CA ILE C 46 -12.25 8.84 3.70
C ILE C 46 -12.68 8.91 2.22
N TYR C 47 -13.46 7.94 1.75
CA TYR C 47 -14.05 8.00 0.39
C TYR C 47 -14.87 9.28 0.10
N TYR C 48 -15.55 9.81 1.13
CA TYR C 48 -16.41 10.98 0.95
C TYR C 48 -15.64 12.31 0.70
N PRO C 49 -14.65 12.65 1.56
CA PRO C 49 -13.81 13.81 1.25
C PRO C 49 -12.96 13.63 0.02
N LEU C 50 -12.43 12.42 -0.20
CA LEU C 50 -11.64 12.12 -1.40
C LEU C 50 -12.48 12.42 -2.63
N SER C 51 -13.70 11.89 -2.63
CA SER C 51 -14.66 12.12 -3.72
C SER C 51 -14.98 13.62 -3.88
N THR C 52 -15.01 14.33 -2.76
CA THR C 52 -15.28 15.77 -2.76
C THR C 52 -14.16 16.52 -3.49
N LEU C 53 -12.91 16.23 -3.15
CA LEU C 53 -11.80 16.82 -3.86
C LEU C 53 -11.82 16.47 -5.35
N MET C 54 -12.15 15.23 -5.67
CA MET C 54 -12.23 14.76 -7.06
C MET C 54 -13.32 15.48 -7.85
N LEU C 55 -14.46 15.74 -7.21
CA LEU C 55 -15.54 16.47 -7.85
C LEU C 55 -15.14 17.92 -8.12
N ALA C 56 -14.32 18.50 -7.24
CA ALA C 56 -13.71 19.82 -7.50
C ALA C 56 -12.64 19.83 -8.62
N GLY C 57 -12.35 18.68 -9.20
CA GLY C 57 -11.43 18.55 -10.31
C GLY C 57 -9.98 18.35 -9.88
N ILE C 58 -9.75 18.05 -8.60
CA ILE C 58 -8.41 17.93 -8.06
C ILE C 58 -7.97 16.46 -8.15
N ARG C 59 -6.77 16.24 -8.71
CA ARG C 59 -6.21 14.91 -8.93
C ARG C 59 -4.98 14.61 -8.11
N GLU C 60 -4.27 15.64 -7.66
CA GLU C 60 -3.01 15.47 -6.94
C GLU C 60 -3.27 15.76 -5.51
N ILE C 61 -3.27 14.71 -4.68
CA ILE C 61 -3.79 14.82 -3.31
C ILE C 61 -2.82 14.22 -2.28
N LEU C 62 -2.56 14.99 -1.22
CA LEU C 62 -1.76 14.55 -0.07
C LEU C 62 -2.67 14.13 1.11
N ILE C 63 -2.39 12.97 1.68
CA ILE C 63 -3.16 12.45 2.79
C ILE C 63 -2.22 12.49 3.98
N ILE C 64 -2.63 13.26 4.99
CA ILE C 64 -1.88 13.43 6.23
C ILE C 64 -2.58 12.65 7.33
N SER C 65 -1.87 11.73 7.98
CA SER C 65 -2.43 10.84 8.99
C SER C 65 -1.30 10.52 9.92
N THR C 66 -1.56 9.78 11.00
CA THR C 66 -0.50 9.44 11.96
C THR C 66 0.49 8.43 11.34
N PRO C 67 1.70 8.29 11.95
CA PRO C 67 2.59 7.22 11.48
C PRO C 67 1.91 5.85 11.40
N GLN C 68 1.08 5.52 12.36
CA GLN C 68 0.46 4.21 12.44
C GLN C 68 -0.59 4.02 11.34
N ASP C 69 -1.27 5.08 10.96
CA ASP C 69 -2.39 4.93 10.05
C ASP C 69 -2.02 5.18 8.61
N THR C 70 -0.90 5.88 8.38
CA THR C 70 -0.38 6.06 7.04
C THR C 70 -0.42 4.75 6.22
N PRO C 71 0.18 3.65 6.75
CA PRO C 71 0.19 2.39 5.99
C PRO C 71 -1.20 1.83 5.68
N ARG C 72 -2.17 2.09 6.55
CA ARG C 72 -3.52 1.58 6.41
C ARG C 72 -4.31 2.33 5.33
N PHE C 73 -4.16 3.64 5.27
CA PHE C 73 -4.73 4.44 4.18
C PHE C 73 -4.05 4.04 2.89
N GLN C 74 -2.73 3.88 2.95
CA GLN C 74 -1.96 3.45 1.78
C GLN C 74 -2.44 2.12 1.21
N GLN C 75 -2.85 1.23 2.09
CA GLN C 75 -3.33 -0.07 1.70
C GLN C 75 -4.71 0.02 1.08
N LEU C 76 -5.56 0.87 1.67
CA LEU C 76 -6.88 1.11 1.11
C LEU C 76 -6.79 1.75 -0.28
N LEU C 77 -6.00 2.82 -0.43
CA LEU C 77 -6.04 3.69 -1.63
C LEU C 77 -4.86 3.60 -2.62
N GLY C 78 -3.70 3.11 -2.20
CA GLY C 78 -2.55 3.03 -3.09
C GLY C 78 -2.08 4.41 -3.47
N ASP C 79 -1.41 4.50 -4.63
CA ASP C 79 -1.01 5.78 -5.17
C ASP C 79 -2.11 6.52 -5.96
N GLY C 80 -3.29 5.92 -6.06
CA GLY C 80 -4.43 6.56 -6.71
C GLY C 80 -4.52 6.34 -8.21
N SER C 81 -3.44 5.84 -8.82
CA SER C 81 -3.36 5.70 -10.30
C SER C 81 -4.46 4.83 -10.94
N ASN C 82 -5.05 3.89 -10.23
CA ASN C 82 -6.26 3.20 -10.73
C ASN C 82 -7.51 4.07 -10.94
N TRP C 83 -7.55 5.20 -10.25
CA TRP C 83 -8.69 6.10 -10.29
C TRP C 83 -8.29 7.37 -10.98
N GLY C 84 -7.17 7.33 -11.71
CA GLY C 84 -6.64 8.49 -12.41
C GLY C 84 -6.14 9.62 -11.53
N LEU C 85 -5.68 9.27 -10.33
CA LEU C 85 -5.18 10.20 -9.36
C LEU C 85 -3.71 9.90 -9.08
N ASP C 86 -3.12 10.83 -8.36
CA ASP C 86 -1.77 10.78 -7.92
C ASP C 86 -1.86 11.15 -6.41
N LEU C 87 -2.03 10.12 -5.59
CA LEU C 87 -2.10 10.27 -4.14
C LEU C 87 -0.72 10.12 -3.53
N GLN C 88 -0.37 11.06 -2.66
CA GLN C 88 0.82 11.00 -1.85
C GLN C 88 0.43 11.02 -0.38
N TYR C 89 1.42 10.74 0.46
CA TYR C 89 1.20 10.56 1.89
C TYR C 89 2.26 11.29 2.67
N ALA C 90 1.87 11.81 3.82
CA ALA C 90 2.81 12.34 4.78
C ALA C 90 2.31 12.05 6.19
N VAL C 91 3.20 12.04 7.17
CA VAL C 91 2.83 11.68 8.56
C VAL C 91 2.65 12.95 9.37
N GLN C 92 1.68 12.96 10.28
CA GLN C 92 1.57 13.99 11.32
C GLN C 92 1.92 13.30 12.63
N PRO C 93 3.07 13.63 13.23
CA PRO C 93 3.44 12.96 14.48
C PRO C 93 2.59 13.36 15.69
N SER C 94 2.02 14.57 15.69
CA SER C 94 1.28 15.06 16.85
C SER C 94 0.06 15.84 16.35
N PRO C 95 -1.09 15.75 17.05
CA PRO C 95 -2.26 16.53 16.61
C PRO C 95 -2.16 18.03 17.00
N ASP C 96 -1.31 18.77 16.32
CA ASP C 96 -1.03 20.17 16.65
C ASP C 96 -1.82 21.15 15.80
N GLY C 97 -3.06 20.79 15.46
CA GLY C 97 -3.96 21.69 14.75
C GLY C 97 -3.96 21.55 13.24
N LEU C 98 -5.05 22.05 12.65
CA LEU C 98 -5.34 21.83 11.24
C LEU C 98 -4.42 22.64 10.33
N ALA C 99 -4.00 23.84 10.78
CA ALA C 99 -3.12 24.69 9.97
C ALA C 99 -1.72 24.10 9.71
N GLN C 100 -1.30 23.18 10.58
CA GLN C 100 -0.05 22.41 10.44
C GLN C 100 0.02 21.68 9.10
N ALA C 101 -1.14 21.24 8.58
CA ALA C 101 -1.25 20.68 7.23
C ALA C 101 -0.43 21.43 6.14
N PHE C 102 -0.34 22.76 6.22
CA PHE C 102 0.45 23.57 5.27
C PHE C 102 1.97 23.52 5.48
N LEU C 103 2.40 23.28 6.72
CA LEU C 103 3.82 23.07 7.01
C LEU C 103 4.26 21.65 6.63
N ILE C 104 3.47 20.65 7.02
CA ILE C 104 3.75 19.27 6.60
C ILE C 104 3.65 19.22 5.08
N GLY C 105 2.65 19.88 4.51
CA GLY C 105 2.38 19.77 3.09
C GLY C 105 3.13 20.78 2.25
N GLU C 106 4.12 21.47 2.84
CA GLU C 106 4.78 22.60 2.16
C GLU C 106 5.42 22.22 0.82
N SER C 107 6.19 21.15 0.77
CA SER C 107 6.88 20.77 -0.48
C SER C 107 5.91 20.15 -1.50
N PHE C 108 4.87 19.51 -1.00
CA PHE C 108 3.83 19.00 -1.85
C PHE C 108 3.08 20.15 -2.54
N ILE C 109 2.73 21.19 -1.80
CA ILE C 109 2.03 22.34 -2.41
C ILE C 109 2.92 23.01 -3.44
N GLY C 110 4.19 23.28 -3.07
CA GLY C 110 5.13 23.96 -3.94
C GLY C 110 4.65 25.37 -4.22
N ASN C 111 4.59 25.73 -5.50
CA ASN C 111 4.11 27.04 -5.91
C ASN C 111 2.62 27.07 -6.35
N ASP C 112 1.87 26.02 -6.05
CA ASP C 112 0.55 25.85 -6.62
C ASP C 112 -0.56 26.36 -5.71
N LEU C 113 -1.78 26.34 -6.25
CA LEU C 113 -2.98 26.61 -5.48
C LEU C 113 -3.27 25.34 -4.71
N SER C 114 -4.07 25.46 -3.64
CA SER C 114 -4.42 24.30 -2.85
C SER C 114 -5.87 24.26 -2.40
N ALA C 115 -6.23 23.09 -1.86
CA ALA C 115 -7.51 22.84 -1.23
C ALA C 115 -7.29 21.88 -0.07
N LEU C 116 -7.84 22.25 1.09
CA LEU C 116 -7.75 21.46 2.28
C LEU C 116 -9.14 20.97 2.64
N VAL C 117 -9.24 19.67 2.92
CA VAL C 117 -10.50 19.07 3.34
C VAL C 117 -10.28 18.15 4.53
N LEU C 118 -11.16 18.24 5.53
CA LEU C 118 -11.12 17.33 6.69
C LEU C 118 -11.64 15.92 6.33
N GLY C 119 -10.95 14.89 6.81
CA GLY C 119 -11.29 13.48 6.48
C GLY C 119 -12.59 12.90 7.00
N ASP C 120 -13.34 13.68 7.79
CA ASP C 120 -14.61 13.23 8.38
C ASP C 120 -15.78 14.19 8.15
N ASN C 121 -15.69 15.04 7.13
CA ASN C 121 -16.82 15.84 6.71
C ASN C 121 -17.48 15.11 5.56
N LEU C 122 -18.80 15.14 5.55
CA LEU C 122 -19.63 14.56 4.49
C LEU C 122 -20.56 15.64 3.94
N TYR C 123 -20.52 15.81 2.63
CA TYR C 123 -21.33 16.74 1.90
C TYR C 123 -22.17 16.02 0.87
N TYR C 124 -23.38 16.54 0.66
CA TYR C 124 -24.26 16.05 -0.37
C TYR C 124 -25.20 17.16 -0.87
N GLY C 125 -25.39 17.22 -2.19
CA GLY C 125 -26.57 17.82 -2.78
C GLY C 125 -26.40 18.21 -4.24
N HIS C 126 -27.36 19.00 -4.71
CA HIS C 126 -27.58 19.29 -6.10
C HIS C 126 -26.61 20.37 -6.56
N ASP C 127 -25.92 20.10 -7.68
CA ASP C 127 -24.92 21.04 -8.20
C ASP C 127 -23.81 21.30 -7.23
N PHE C 128 -23.51 20.31 -6.39
CA PHE C 128 -22.32 20.39 -5.53
C PHE C 128 -21.05 20.64 -6.39
N HIS C 129 -21.00 19.97 -7.54
CA HIS C 129 -19.93 20.15 -8.53
C HIS C 129 -19.72 21.64 -8.90
N GLU C 130 -20.82 22.32 -9.16
CA GLU C 130 -20.81 23.73 -9.54
C GLU C 130 -20.46 24.63 -8.36
N LEU C 131 -20.98 24.32 -7.18
CA LEU C 131 -20.55 25.05 -5.99
C LEU C 131 -19.01 25.02 -5.81
N LEU C 132 -18.39 23.86 -5.98
CA LEU C 132 -16.95 23.72 -5.79
C LEU C 132 -16.20 24.37 -6.90
N GLY C 133 -16.64 24.17 -8.12
CA GLY C 133 -16.02 24.73 -9.32
C GLY C 133 -15.78 26.22 -9.20
N SER C 134 -16.77 26.95 -8.74
CA SER C 134 -16.66 28.37 -8.60
C SER C 134 -15.73 28.76 -7.44
N ALA C 135 -15.60 27.91 -6.42
CA ALA C 135 -14.52 28.08 -5.43
C ALA C 135 -13.16 27.81 -6.08
N SER C 136 -12.97 26.62 -6.65
CA SER C 136 -11.68 26.25 -7.25
C SER C 136 -11.27 27.10 -8.47
N GLN C 137 -12.22 27.78 -9.12
CA GLN C 137 -11.93 28.60 -10.29
C GLN C 137 -11.28 29.93 -9.91
N ARG C 138 -11.67 30.50 -8.78
CA ARG C 138 -11.15 31.77 -8.26
C ARG C 138 -9.65 31.63 -7.90
N GLN C 139 -8.75 32.02 -8.81
CA GLN C 139 -7.29 31.72 -8.72
C GLN C 139 -6.47 32.61 -7.75
N THR C 140 -7.11 33.55 -7.04
CA THR C 140 -6.41 34.35 -6.04
C THR C 140 -7.31 34.48 -4.82
N GLY C 141 -6.67 34.69 -3.67
CA GLY C 141 -7.37 34.68 -2.43
C GLY C 141 -7.74 33.25 -2.01
N ALA C 142 -8.68 33.18 -1.08
CA ALA C 142 -9.16 31.98 -0.50
C ALA C 142 -10.69 31.97 -0.55
N SER C 143 -11.26 30.78 -0.64
CA SER C 143 -12.71 30.60 -0.58
C SER C 143 -13.06 29.54 0.46
N VAL C 144 -14.02 29.89 1.32
CA VAL C 144 -14.62 29.00 2.29
C VAL C 144 -16.15 28.95 2.11
N PHE C 145 -16.80 28.01 2.80
CA PHE C 145 -18.25 27.88 2.76
C PHE C 145 -18.84 28.00 4.13
N ALA C 146 -19.94 28.77 4.19
CA ALA C 146 -20.70 28.97 5.41
C ALA C 146 -22.00 28.16 5.35
N TYR C 147 -22.31 27.46 6.42
CA TYR C 147 -23.48 26.60 6.52
C TYR C 147 -24.25 26.84 7.82
N HIS C 148 -25.56 27.09 7.72
CA HIS C 148 -26.39 27.25 8.92
C HIS C 148 -26.49 25.93 9.73
N VAL C 149 -26.09 25.98 10.99
CA VAL C 149 -26.16 24.84 11.91
C VAL C 149 -26.86 25.25 13.22
N LEU C 150 -27.38 24.25 13.92
CA LEU C 150 -27.92 24.41 15.28
C LEU C 150 -26.86 24.78 16.31
N ASP C 151 -25.66 24.18 16.19
CA ASP C 151 -24.63 24.25 17.24
C ASP C 151 -23.35 24.93 16.74
N PRO C 152 -23.43 26.23 16.42
CA PRO C 152 -22.28 26.90 15.82
C PRO C 152 -21.03 27.01 16.70
N GLU C 153 -21.21 26.97 18.04
CA GLU C 153 -20.13 26.82 19.06
C GLU C 153 -19.08 25.74 18.78
N ARG C 154 -19.43 24.74 17.97
CA ARG C 154 -18.49 23.67 17.67
C ARG C 154 -17.52 23.97 16.55
N TYR C 155 -17.69 25.10 15.88
CA TYR C 155 -16.96 25.40 14.64
C TYR C 155 -16.38 26.80 14.62
N GLY C 156 -15.67 27.10 13.54
CA GLY C 156 -15.39 28.46 13.13
C GLY C 156 -16.72 29.03 12.65
N VAL C 157 -16.99 30.27 13.05
CA VAL C 157 -18.30 30.92 12.88
C VAL C 157 -18.01 32.23 12.13
N VAL C 158 -18.77 32.51 11.08
CA VAL C 158 -18.67 33.75 10.32
C VAL C 158 -19.83 34.65 10.71
N GLU C 159 -19.53 35.93 10.87
CA GLU C 159 -20.51 36.98 11.11
C GLU C 159 -20.60 37.76 9.80
N PHE C 160 -21.81 38.09 9.39
CA PHE C 160 -22.03 38.94 8.21
C PHE C 160 -22.64 40.27 8.63
N ASP C 161 -22.42 41.30 7.82
CA ASP C 161 -23.10 42.58 8.05
C ASP C 161 -24.48 42.56 7.35
N GLN C 162 -25.18 43.68 7.39
CA GLN C 162 -26.53 43.74 6.82
C GLN C 162 -26.53 43.57 5.28
N GLY C 163 -25.39 43.82 4.64
CA GLY C 163 -25.26 43.59 3.20
C GLY C 163 -24.74 42.22 2.81
N GLY C 164 -24.63 41.31 3.78
CA GLY C 164 -24.12 39.98 3.49
C GLY C 164 -22.62 39.83 3.37
N LYS C 165 -21.85 40.83 3.80
CA LYS C 165 -20.38 40.76 3.82
C LYS C 165 -19.90 40.18 5.13
N ALA C 166 -18.97 39.24 5.03
CA ALA C 166 -18.31 38.67 6.19
C ALA C 166 -17.49 39.76 6.88
N ILE C 167 -17.67 39.93 8.19
CA ILE C 167 -16.89 40.91 8.98
C ILE C 167 -16.10 40.36 10.18
N SER C 168 -16.32 39.11 10.56
CA SER C 168 -15.47 38.47 11.57
C SER C 168 -15.52 36.95 11.47
N LEU C 169 -14.49 36.31 12.02
CA LEU C 169 -14.42 34.87 12.15
C LEU C 169 -13.96 34.58 13.57
N GLU C 170 -14.58 33.61 14.22
CA GLU C 170 -14.23 33.26 15.58
C GLU C 170 -14.20 31.77 15.63
N GLU C 171 -13.16 31.23 16.28
CA GLU C 171 -13.01 29.81 16.50
C GLU C 171 -13.78 29.33 17.74
N LYS C 172 -14.72 28.43 17.51
CA LYS C 172 -15.52 27.85 18.57
C LYS C 172 -15.92 28.87 19.63
N PRO C 173 -16.58 29.95 19.20
CA PRO C 173 -17.00 30.95 20.21
C PRO C 173 -18.08 30.38 21.12
N LEU C 174 -17.93 30.59 22.42
CA LEU C 174 -18.92 30.21 23.40
C LEU C 174 -20.21 31.01 23.20
N GLU C 175 -20.09 32.26 22.70
CA GLU C 175 -21.24 33.08 22.35
C GLU C 175 -21.14 33.46 20.84
N PRO C 176 -21.58 32.54 19.96
CA PRO C 176 -21.47 32.75 18.51
C PRO C 176 -22.22 33.99 17.99
N LYS C 177 -21.64 34.69 17.03
CA LYS C 177 -22.28 35.88 16.49
C LYS C 177 -23.36 35.57 15.45
N SER C 178 -23.38 34.34 14.95
CA SER C 178 -24.41 33.86 14.03
C SER C 178 -24.49 32.33 14.14
N ASN C 179 -25.35 31.77 13.31
CA ASN C 179 -25.50 30.31 13.19
C ASN C 179 -24.74 29.72 11.97
N TYR C 180 -23.91 30.57 11.35
CA TYR C 180 -23.16 30.19 10.16
C TYR C 180 -21.81 29.63 10.52
N ALA C 181 -21.67 28.31 10.46
CA ALA C 181 -20.35 27.64 10.64
C ALA C 181 -19.57 27.57 9.34
N VAL C 182 -18.24 27.54 9.45
CA VAL C 182 -17.38 27.40 8.29
C VAL C 182 -17.12 25.91 8.11
N THR C 183 -17.45 25.35 6.95
CA THR C 183 -17.32 23.91 6.72
C THR C 183 -15.85 23.56 6.60
N GLY C 184 -15.51 22.27 6.72
CA GLY C 184 -14.11 21.83 6.68
C GLY C 184 -13.59 21.62 5.27
N LEU C 185 -13.90 22.56 4.40
CA LEU C 185 -13.53 22.50 3.00
C LEU C 185 -13.10 23.91 2.66
N TYR C 186 -11.82 24.06 2.30
CA TYR C 186 -11.15 25.36 2.14
C TYR C 186 -10.33 25.37 0.84
N PHE C 187 -10.38 26.49 0.11
CA PHE C 187 -9.62 26.67 -1.11
C PHE C 187 -8.62 27.82 -0.89
N TYR C 188 -7.36 27.63 -1.28
CA TYR C 188 -6.29 28.63 -1.01
C TYR C 188 -5.41 28.90 -2.21
N ASP C 189 -4.87 30.13 -2.27
CA ASP C 189 -3.92 30.51 -3.31
C ASP C 189 -2.52 30.23 -2.77
N GLN C 190 -1.50 30.82 -3.42
CA GLN C 190 -0.11 30.52 -3.08
C GLN C 190 0.34 31.19 -1.79
N GLN C 191 -0.45 32.11 -1.26
CA GLN C 191 -0.12 32.80 -0.03
C GLN C 191 -0.28 31.94 1.23
N VAL C 192 -0.97 30.81 1.16
CA VAL C 192 -1.34 30.08 2.37
C VAL C 192 -0.18 29.56 3.24
N VAL C 193 0.86 29.06 2.59
CA VAL C 193 2.01 28.52 3.31
C VAL C 193 2.68 29.64 4.09
N ASP C 194 2.86 30.80 3.46
CA ASP C 194 3.51 31.94 4.12
C ASP C 194 2.70 32.51 5.28
N ILE C 195 1.37 32.53 5.13
CA ILE C 195 0.48 32.85 6.25
C ILE C 195 0.58 31.81 7.37
N ALA C 196 0.60 30.53 7.00
CA ALA C 196 0.69 29.45 7.98
C ALA C 196 2.00 29.45 8.77
N ARG C 197 3.11 29.81 8.13
CA ARG C 197 4.41 29.85 8.82
C ARG C 197 4.45 30.89 9.96
N ASP C 198 3.73 32.01 9.80
CA ASP C 198 3.70 33.07 10.82
C ASP C 198 2.69 32.88 11.98
N LEU C 199 1.90 31.82 11.95
CA LEU C 199 0.95 31.54 13.04
C LEU C 199 1.65 31.05 14.31
N LYS C 200 1.34 31.68 15.43
CA LYS C 200 1.72 31.18 16.76
C LYS C 200 0.62 30.24 17.23
N PRO C 201 0.96 29.16 17.97
CA PRO C 201 -0.10 28.30 18.54
C PRO C 201 -1.12 29.08 19.39
N SER C 202 -2.37 28.62 19.40
CA SER C 202 -3.45 29.29 20.12
C SER C 202 -3.36 29.02 21.62
N PRO C 203 -4.16 29.74 22.45
CA PRO C 203 -4.42 29.32 23.84
C PRO C 203 -4.74 27.82 24.02
N ARG C 204 -5.27 27.19 22.97
CA ARG C 204 -5.56 25.75 22.92
C ARG C 204 -4.36 24.81 22.63
N GLY C 205 -3.26 25.36 22.12
CA GLY C 205 -2.05 24.59 21.77
C GLY C 205 -2.05 24.04 20.34
N GLU C 206 -2.81 24.69 19.46
CA GLU C 206 -3.01 24.24 18.07
C GLU C 206 -2.76 25.40 17.10
N LEU C 207 -2.34 25.06 15.88
CA LEU C 207 -2.31 26.03 14.77
C LEU C 207 -3.73 26.02 14.18
N GLU C 208 -4.41 27.16 14.26
CA GLU C 208 -5.87 27.22 14.02
C GLU C 208 -6.18 27.70 12.58
N ILE C 209 -6.97 26.91 11.83
CA ILE C 209 -7.37 27.26 10.46
C ILE C 209 -8.14 28.61 10.42
N THR C 210 -8.89 28.91 11.48
CA THR C 210 -9.57 30.19 11.58
C THR C 210 -8.58 31.39 11.47
N ASP C 211 -7.37 31.21 11.98
CA ASP C 211 -6.36 32.27 11.93
C ASP C 211 -5.87 32.47 10.51
N VAL C 212 -5.70 31.37 9.77
CA VAL C 212 -5.37 31.45 8.34
C VAL C 212 -6.48 32.23 7.63
N ASN C 213 -7.73 31.85 7.86
CA ASN C 213 -8.84 32.49 7.17
C ASN C 213 -9.04 33.92 7.55
N ARG C 214 -8.73 34.25 8.80
CA ARG C 214 -8.77 35.63 9.24
C ARG C 214 -7.75 36.51 8.51
N ALA C 215 -6.54 36.01 8.29
CA ALA C 215 -5.51 36.78 7.58
C ALA C 215 -5.91 37.11 6.16
N TYR C 216 -6.57 36.18 5.48
CA TYR C 216 -7.10 36.50 4.15
C TYR C 216 -8.21 37.55 4.21
N LEU C 217 -9.08 37.43 5.22
CA LEU C 217 -10.21 38.39 5.41
C LEU C 217 -9.69 39.83 5.61
N GLU C 218 -8.65 39.97 6.41
CA GLU C 218 -8.03 41.26 6.68
C GLU C 218 -7.37 41.87 5.43
N ARG C 219 -6.87 41.02 4.51
CA ARG C 219 -6.38 41.48 3.20
C ARG C 219 -7.49 41.76 2.18
N GLY C 220 -8.76 41.67 2.59
CA GLY C 220 -9.89 41.68 1.66
C GLY C 220 -9.79 40.58 0.63
N GLN C 221 -9.25 39.42 0.99
CA GLN C 221 -9.08 38.33 0.00
C GLN C 221 -9.80 37.01 0.34
N LEU C 222 -10.76 37.07 1.25
CA LEU C 222 -11.57 35.92 1.62
C LEU C 222 -12.91 36.03 0.94
N SER C 223 -13.26 35.05 0.11
CA SER C 223 -14.63 34.88 -0.33
C SER C 223 -15.32 33.86 0.60
N VAL C 224 -16.53 34.21 1.05
CA VAL C 224 -17.33 33.34 1.84
C VAL C 224 -18.61 33.03 1.06
N GLU C 225 -18.74 31.81 0.57
CA GLU C 225 -19.94 31.40 -0.16
C GLU C 225 -20.87 30.67 0.79
N ILE C 226 -22.17 30.91 0.67
CA ILE C 226 -23.17 30.17 1.43
C ILE C 226 -23.35 28.79 0.85
N MET C 227 -23.13 27.76 1.67
CA MET C 227 -23.65 26.42 1.35
C MET C 227 -25.11 26.39 1.82
N GLY C 228 -26.01 26.36 0.87
CA GLY C 228 -27.45 26.40 1.13
C GLY C 228 -27.96 25.24 1.95
N ARG C 229 -29.14 25.46 2.52
CA ARG C 229 -29.82 24.50 3.37
C ARG C 229 -30.28 23.27 2.60
N GLY C 230 -30.42 23.42 1.30
CA GLY C 230 -30.62 22.30 0.38
C GLY C 230 -29.44 21.32 0.28
N TYR C 231 -28.25 21.68 0.76
CA TYR C 231 -27.11 20.72 0.91
C TYR C 231 -27.14 20.09 2.28
N ALA C 232 -26.73 18.83 2.35
CA ALA C 232 -26.51 18.15 3.60
C ALA C 232 -25.02 18.25 3.89
N TRP C 233 -24.67 18.93 4.97
CA TRP C 233 -23.33 18.84 5.59
C TRP C 233 -23.45 18.06 6.89
N LEU C 234 -22.97 16.83 6.89
CA LEU C 234 -23.08 15.99 8.09
C LEU C 234 -21.77 15.88 8.90
N ASP C 235 -22.00 15.65 10.17
CA ASP C 235 -20.99 15.60 11.21
C ASP C 235 -20.71 14.14 11.36
N THR C 236 -19.44 13.77 11.38
CA THR C 236 -19.05 12.45 11.79
C THR C 236 -18.25 12.42 13.10
N GLY C 237 -18.42 13.40 13.97
CA GLY C 237 -17.61 13.54 15.18
C GLY C 237 -17.80 12.48 16.27
N THR C 238 -19.07 12.07 16.44
CA THR C 238 -19.46 11.15 17.50
C THR C 238 -19.94 9.79 17.00
N HIS C 239 -20.15 8.87 17.94
CA HIS C 239 -20.80 7.59 17.62
C HIS C 239 -22.22 7.79 17.12
N ASP C 240 -22.97 8.68 17.75
CA ASP C 240 -24.34 8.96 17.29
C ASP C 240 -24.41 9.57 15.90
N SER C 241 -23.57 10.57 15.65
CA SER C 241 -23.56 11.25 14.36
C SER C 241 -22.97 10.37 13.21
N LEU C 242 -22.03 9.46 13.50
CA LEU C 242 -21.52 8.51 12.48
C LEU C 242 -22.65 7.59 12.07
N LEU C 243 -23.43 7.18 13.04
CA LEU C 243 -24.59 6.36 12.81
C LEU C 243 -25.64 7.07 11.95
N GLU C 244 -26.01 8.29 12.32
CA GLU C 244 -26.90 9.13 11.52
C GLU C 244 -26.44 9.36 10.09
N ALA C 245 -25.15 9.62 9.94
CA ALA C 245 -24.58 9.77 8.61
C ALA C 245 -24.82 8.49 7.77
N GLY C 246 -24.62 7.32 8.39
CA GLY C 246 -24.85 6.04 7.74
C GLY C 246 -26.29 5.83 7.30
N GLN C 247 -27.23 6.14 8.17
CA GLN C 247 -28.69 6.10 7.87
C GLN C 247 -29.02 6.98 6.65
N PHE C 248 -28.43 8.18 6.65
CA PHE C 248 -28.66 9.18 5.67
C PHE C 248 -28.23 8.72 4.24
N ILE C 249 -26.98 8.24 4.11
CA ILE C 249 -26.47 7.65 2.85
C ILE C 249 -27.26 6.40 2.44
N ALA C 250 -27.46 5.45 3.36
CA ALA C 250 -28.28 4.28 3.06
C ALA C 250 -29.64 4.69 2.51
N THR C 251 -30.29 5.67 3.11
CA THR C 251 -31.62 6.07 2.63
C THR C 251 -31.59 6.60 1.20
N LEU C 252 -30.65 7.49 0.92
CA LEU C 252 -30.46 8.03 -0.44
C LEU C 252 -30.11 6.93 -1.44
N GLU C 253 -29.11 6.10 -1.12
CA GLU C 253 -28.58 5.13 -2.07
C GLU C 253 -29.62 4.07 -2.45
N ASN C 254 -30.35 3.57 -1.45
CA ASN C 254 -31.40 2.59 -1.66
C ASN C 254 -32.63 3.15 -2.33
N ARG C 255 -32.88 4.43 -2.11
CA ARG C 255 -33.92 5.07 -2.85
C ARG C 255 -33.58 5.16 -4.35
N GLN C 256 -32.35 5.54 -4.65
CA GLN C 256 -31.96 5.91 -6.01
C GLN C 256 -31.42 4.74 -6.86
N GLY C 257 -30.86 3.75 -6.19
CA GLY C 257 -29.94 2.81 -6.82
C GLY C 257 -28.77 3.51 -7.46
N LEU C 258 -28.30 4.58 -6.82
CA LEU C 258 -27.07 5.30 -7.17
C LEU C 258 -26.34 5.46 -5.86
N LYS C 259 -25.02 5.64 -5.96
CA LYS C 259 -24.17 5.81 -4.78
C LYS C 259 -23.76 7.26 -4.63
N VAL C 260 -23.51 7.65 -3.37
CA VAL C 260 -22.90 8.89 -3.00
C VAL C 260 -21.42 8.61 -2.69
N ALA C 261 -20.56 9.40 -3.33
CA ALA C 261 -19.12 9.37 -3.14
C ALA C 261 -18.48 8.04 -3.45
N CYS C 262 -18.84 7.49 -4.62
CA CYS C 262 -18.15 6.35 -5.19
C CYS C 262 -16.99 6.90 -6.03
N PRO C 263 -15.73 6.78 -5.53
CA PRO C 263 -14.61 7.42 -6.28
C PRO C 263 -14.41 6.94 -7.73
N GLU C 264 -14.62 5.66 -7.96
CA GLU C 264 -14.50 5.12 -9.30
C GLU C 264 -15.45 5.85 -10.24
N GLU C 265 -16.67 6.10 -9.76
CA GLU C 265 -17.71 6.80 -10.53
C GLU C 265 -17.28 8.22 -10.83
N ILE C 266 -16.67 8.89 -9.87
CA ILE C 266 -16.29 10.28 -10.06
C ILE C 266 -15.20 10.38 -11.10
N ALA C 267 -14.16 9.56 -10.95
CA ALA C 267 -13.10 9.45 -11.94
C ALA C 267 -13.62 9.16 -13.36
N TYR C 268 -14.56 8.22 -13.47
CA TYR C 268 -15.21 7.88 -14.74
C TYR C 268 -15.94 9.09 -15.36
N ARG C 269 -16.73 9.81 -14.56
CA ARG C 269 -17.47 10.98 -15.06
C ARG C 269 -16.56 12.16 -15.31
N GLN C 270 -15.42 12.25 -14.61
CA GLN C 270 -14.42 13.27 -14.93
C GLN C 270 -13.61 12.90 -16.17
N LYS C 271 -13.71 11.66 -16.62
CA LYS C 271 -12.95 11.13 -17.79
C LYS C 271 -11.48 10.96 -17.47
N TRP C 272 -11.17 10.74 -16.19
CA TRP C 272 -9.82 10.47 -15.72
C TRP C 272 -9.48 9.00 -15.88
N ILE C 273 -10.49 8.14 -15.93
CA ILE C 273 -10.37 6.75 -16.33
C ILE C 273 -11.44 6.52 -17.40
N ASP C 274 -11.28 5.49 -18.23
CA ASP C 274 -12.23 5.20 -19.30
C ASP C 274 -13.02 3.93 -18.99
N ALA C 275 -13.91 3.55 -19.90
CA ALA C 275 -14.77 2.38 -19.71
C ALA C 275 -13.99 1.09 -19.41
N ALA C 276 -12.90 0.85 -20.14
CA ALA C 276 -12.13 -0.40 -19.95
C ALA C 276 -11.45 -0.44 -18.57
N GLN C 277 -10.95 0.72 -18.14
CA GLN C 277 -10.33 0.88 -16.81
C GLN C 277 -11.37 0.62 -15.71
N LEU C 278 -12.56 1.20 -15.85
CA LEU C 278 -13.67 0.96 -14.90
C LEU C 278 -14.15 -0.50 -14.83
N GLU C 279 -14.13 -1.19 -15.96
CA GLU C 279 -14.48 -2.61 -16.04
C GLU C 279 -13.48 -3.50 -15.29
N LYS C 280 -12.20 -3.17 -15.40
CA LYS C 280 -11.15 -3.83 -14.61
C LYS C 280 -11.35 -3.69 -13.09
N LEU C 281 -11.73 -2.49 -12.64
CA LEU C 281 -11.97 -2.24 -11.20
C LEU C 281 -13.23 -2.95 -10.71
N ALA C 282 -14.20 -3.13 -11.61
CA ALA C 282 -15.41 -3.93 -11.31
C ALA C 282 -15.15 -5.43 -11.10
N ALA C 283 -14.29 -6.02 -11.93
CA ALA C 283 -14.01 -7.47 -11.90
C ALA C 283 -13.83 -8.06 -10.49
N PRO C 284 -12.81 -7.59 -9.73
CA PRO C 284 -12.60 -8.19 -8.40
C PRO C 284 -13.66 -7.83 -7.36
N LEU C 285 -14.57 -6.90 -7.68
CA LEU C 285 -15.71 -6.55 -6.83
C LEU C 285 -17.04 -7.14 -7.31
N ALA C 286 -16.99 -8.02 -8.30
CA ALA C 286 -18.18 -8.54 -9.02
C ALA C 286 -19.15 -9.35 -8.15
N LYS C 287 -18.64 -10.00 -7.11
CA LYS C 287 -19.48 -10.80 -6.21
C LYS C 287 -20.19 -9.99 -5.10
N ASN C 288 -20.04 -8.66 -5.07
CA ASN C 288 -20.84 -7.80 -4.19
C ASN C 288 -21.51 -6.68 -4.96
N GLY C 289 -22.44 -6.00 -4.29
CA GLY C 289 -23.21 -4.89 -4.86
C GLY C 289 -22.41 -3.71 -5.43
N TYR C 290 -21.22 -3.47 -4.87
CA TYR C 290 -20.40 -2.35 -5.29
C TYR C 290 -19.82 -2.54 -6.70
N GLY C 291 -19.21 -3.70 -6.95
CA GLY C 291 -18.75 -4.06 -8.28
C GLY C 291 -19.86 -4.21 -9.30
N GLN C 292 -21.01 -4.74 -8.87
CA GLN C 292 -22.21 -4.80 -9.75
C GLN C 292 -22.62 -3.38 -10.17
N TYR C 293 -22.54 -2.46 -9.22
CA TYR C 293 -22.85 -1.05 -9.50
C TYR C 293 -21.86 -0.42 -10.47
N LEU C 294 -20.56 -0.65 -10.26
CA LEU C 294 -19.58 -0.16 -11.21
C LEU C 294 -19.81 -0.71 -12.64
N LYS C 295 -20.14 -1.98 -12.71
CA LYS C 295 -20.43 -2.62 -13.98
C LYS C 295 -21.65 -1.98 -14.63
N ARG C 296 -22.75 -1.84 -13.88
CA ARG C 296 -23.95 -1.15 -14.39
C ARG C 296 -23.66 0.28 -14.94
N LEU C 297 -22.70 0.99 -14.35
CA LEU C 297 -22.33 2.33 -14.84
C LEU C 297 -21.78 2.31 -16.28
N LEU C 298 -21.20 1.19 -16.71
CA LEU C 298 -20.67 1.09 -18.07
C LEU C 298 -21.73 1.14 -19.17
N THR C 299 -22.94 0.67 -18.85
CA THR C 299 -24.03 0.65 -19.84
C THR C 299 -25.28 1.46 -19.49
N GLU C 300 -25.37 2.06 -18.31
CA GLU C 300 -26.51 2.93 -17.99
C GLU C 300 -26.17 4.39 -18.18
N THR C 301 -27.04 5.14 -18.85
CA THR C 301 -26.95 6.59 -18.89
C THR C 301 -27.58 7.11 -17.62
N VAL C 302 -26.83 7.89 -16.86
CA VAL C 302 -27.32 8.52 -15.64
C VAL C 302 -27.14 10.02 -15.82
N TYR C 303 -28.22 10.78 -15.72
CA TYR C 303 -28.18 12.23 -15.90
C TYR C 303 -27.71 12.92 -14.61
N LYS D 12 -15.38 -28.39 32.87
CA LYS D 12 -15.09 -27.02 32.35
C LYS D 12 -15.25 -26.89 30.81
N ARG D 13 -15.54 -25.66 30.38
CA ARG D 13 -15.96 -25.40 29.00
C ARG D 13 -15.11 -24.29 28.40
N LYS D 14 -14.51 -24.58 27.24
CA LYS D 14 -13.72 -23.61 26.49
C LYS D 14 -14.54 -22.99 25.38
N GLY D 15 -14.15 -21.79 24.97
CA GLY D 15 -14.90 -21.04 23.96
C GLY D 15 -14.14 -20.83 22.68
N ILE D 16 -14.89 -20.77 21.59
CA ILE D 16 -14.35 -20.43 20.28
C ILE D 16 -15.21 -19.34 19.71
N ILE D 17 -14.61 -18.22 19.29
CA ILE D 17 -15.27 -17.22 18.46
C ILE D 17 -14.80 -17.39 17.04
N LEU D 18 -15.75 -17.58 16.12
CA LEU D 18 -15.41 -17.79 14.72
C LEU D 18 -15.72 -16.50 13.98
N ALA D 19 -14.67 -15.72 13.78
CA ALA D 19 -14.71 -14.40 13.14
C ALA D 19 -14.19 -14.58 11.71
N GLY D 20 -14.96 -15.34 10.92
CA GLY D 20 -14.52 -15.81 9.62
C GLY D 20 -14.54 -14.75 8.53
N GLY D 21 -14.14 -15.19 7.34
CA GLY D 21 -14.02 -14.31 6.17
C GLY D 21 -15.35 -14.08 5.49
N SER D 22 -15.71 -12.81 5.28
CA SER D 22 -16.89 -12.46 4.48
C SER D 22 -16.46 -12.13 3.05
N GLY D 23 -15.18 -12.36 2.76
CA GLY D 23 -14.64 -12.24 1.42
C GLY D 23 -14.73 -10.81 0.93
N THR D 24 -15.47 -10.61 -0.15
CA THR D 24 -15.62 -9.30 -0.78
C THR D 24 -17.00 -8.71 -0.53
N ARG D 25 -17.85 -9.44 0.19
CA ARG D 25 -19.28 -9.10 0.28
C ARG D 25 -19.53 -7.68 0.84
N LEU D 26 -18.63 -7.23 1.73
CA LEU D 26 -18.76 -5.94 2.42
C LEU D 26 -17.73 -4.90 1.96
N HIS D 27 -17.00 -5.17 0.88
CA HIS D 27 -16.11 -4.16 0.28
C HIS D 27 -16.98 -2.99 -0.20
N PRO D 28 -16.46 -1.76 -0.15
CA PRO D 28 -15.06 -1.42 0.20
C PRO D 28 -14.79 -1.16 1.73
N ALA D 29 -15.84 -1.21 2.55
CA ALA D 29 -15.70 -1.00 3.98
C ALA D 29 -14.64 -1.93 4.59
N THR D 30 -14.74 -3.22 4.23
CA THR D 30 -13.79 -4.24 4.69
C THR D 30 -12.45 -4.33 3.94
N LEU D 31 -12.18 -3.44 2.98
CA LEU D 31 -10.80 -3.22 2.52
C LEU D 31 -9.98 -2.47 3.59
N ALA D 32 -10.62 -1.67 4.45
CA ALA D 32 -9.90 -0.86 5.48
C ALA D 32 -9.76 -1.50 6.87
N ILE D 33 -10.73 -2.33 7.26
CA ILE D 33 -10.57 -3.35 8.31
C ILE D 33 -11.57 -4.45 8.13
N SER D 34 -11.24 -5.65 8.55
CA SER D 34 -12.27 -6.68 8.37
C SER D 34 -13.41 -6.59 9.36
N LYS D 35 -14.41 -7.35 8.96
CA LYS D 35 -15.75 -7.31 9.42
C LYS D 35 -15.87 -7.16 10.90
N GLN D 36 -15.20 -8.02 11.66
CA GLN D 36 -15.48 -8.12 13.08
C GLN D 36 -14.74 -7.10 13.92
N LEU D 37 -13.95 -6.25 13.24
CA LEU D 37 -13.45 -5.01 13.84
C LEU D 37 -14.29 -3.79 13.55
N LEU D 38 -15.32 -3.92 12.70
CA LEU D 38 -16.19 -2.77 12.42
C LEU D 38 -17.03 -2.53 13.67
N PRO D 39 -17.37 -1.26 13.91
CA PRO D 39 -18.12 -1.01 15.13
C PRO D 39 -19.61 -1.27 14.96
N VAL D 40 -20.22 -1.78 16.02
CA VAL D 40 -21.66 -1.76 16.19
C VAL D 40 -21.84 -0.69 17.27
N TYR D 41 -22.32 0.45 16.80
CA TYR D 41 -22.40 1.68 17.54
C TYR D 41 -21.02 2.14 18.06
N ASP D 42 -20.70 1.87 19.30
CA ASP D 42 -19.59 2.45 19.98
C ASP D 42 -18.47 1.46 20.27
N LYS D 43 -18.65 0.18 19.93
CA LYS D 43 -17.59 -0.80 20.18
C LYS D 43 -17.42 -1.73 18.96
N PRO D 44 -16.23 -2.35 18.80
CA PRO D 44 -16.04 -3.34 17.74
C PRO D 44 -16.99 -4.54 17.83
N MET D 45 -17.39 -5.04 16.67
CA MET D 45 -18.30 -6.18 16.55
C MET D 45 -17.97 -7.35 17.43
N ILE D 46 -16.69 -7.71 17.49
CA ILE D 46 -16.27 -8.86 18.26
C ILE D 46 -16.52 -8.79 19.79
N TYR D 47 -16.61 -7.58 20.37
CA TYR D 47 -16.93 -7.44 21.81
C TYR D 47 -18.26 -8.09 22.20
N TYR D 48 -19.18 -8.18 21.23
CA TYR D 48 -20.52 -8.72 21.48
C TYR D 48 -20.46 -10.26 21.67
N PRO D 49 -19.87 -10.98 20.73
CA PRO D 49 -19.78 -12.41 21.00
C PRO D 49 -18.77 -12.75 22.10
N LEU D 50 -17.72 -11.97 22.25
CA LEU D 50 -16.80 -12.18 23.35
C LEU D 50 -17.57 -12.06 24.65
N SER D 51 -18.33 -10.98 24.78
CA SER D 51 -19.10 -10.70 25.99
C SER D 51 -20.12 -11.77 26.28
N THR D 52 -20.61 -12.40 25.22
CA THR D 52 -21.57 -13.48 25.28
C THR D 52 -20.97 -14.71 25.91
N LEU D 53 -19.79 -15.09 25.45
CA LEU D 53 -19.09 -16.22 26.02
C LEU D 53 -18.70 -15.90 27.46
N MET D 54 -18.29 -14.65 27.68
CA MET D 54 -17.97 -14.18 29.02
C MET D 54 -19.19 -14.28 29.95
N LEU D 55 -20.36 -13.97 29.41
CA LEU D 55 -21.57 -14.09 30.19
C LEU D 55 -21.89 -15.54 30.54
N ALA D 56 -21.55 -16.47 29.65
CA ALA D 56 -21.73 -17.89 29.94
C ALA D 56 -20.66 -18.48 30.89
N GLY D 57 -19.83 -17.66 31.53
CA GLY D 57 -18.77 -18.17 32.40
C GLY D 57 -17.49 -18.63 31.71
N ILE D 58 -17.34 -18.38 30.40
CA ILE D 58 -16.18 -18.91 29.66
C ILE D 58 -15.04 -17.88 29.65
N ARG D 59 -13.89 -18.26 30.19
CA ARG D 59 -12.69 -17.41 30.23
C ARG D 59 -11.65 -17.78 29.19
N GLU D 60 -11.55 -19.06 28.86
CA GLU D 60 -10.51 -19.57 27.97
C GLU D 60 -11.10 -19.68 26.57
N ILE D 61 -10.61 -18.82 25.66
CA ILE D 61 -11.30 -18.53 24.39
C ILE D 61 -10.35 -18.49 23.21
N LEU D 62 -10.72 -19.24 22.16
CA LEU D 62 -9.97 -19.26 20.91
C LEU D 62 -10.67 -18.37 19.86
N ILE D 63 -9.92 -17.43 19.29
CA ILE D 63 -10.42 -16.56 18.23
C ILE D 63 -9.87 -17.07 16.89
N ILE D 64 -10.77 -17.52 16.01
CA ILE D 64 -10.40 -18.00 14.69
C ILE D 64 -10.76 -16.97 13.62
N SER D 65 -9.79 -16.50 12.85
CA SER D 65 -10.09 -15.61 11.69
C SER D 65 -9.25 -15.96 10.46
N THR D 66 -9.26 -15.06 9.49
CA THR D 66 -8.48 -15.18 8.28
C THR D 66 -7.01 -14.96 8.60
N PRO D 67 -6.12 -15.36 7.66
CA PRO D 67 -4.70 -15.02 7.85
C PRO D 67 -4.48 -13.53 8.05
N GLN D 68 -5.26 -12.71 7.36
CA GLN D 68 -5.08 -11.26 7.43
C GLN D 68 -5.63 -10.70 8.73
N ASP D 69 -6.79 -11.17 9.17
CA ASP D 69 -7.40 -10.58 10.35
C ASP D 69 -6.94 -11.10 11.68
N THR D 70 -6.54 -12.38 11.75
CA THR D 70 -6.11 -12.92 13.02
C THR D 70 -5.06 -12.06 13.75
N PRO D 71 -3.97 -11.61 13.07
CA PRO D 71 -3.02 -10.76 13.78
C PRO D 71 -3.65 -9.44 14.23
N ARG D 72 -4.63 -8.91 13.47
CA ARG D 72 -5.33 -7.69 13.88
C ARG D 72 -6.17 -7.90 15.15
N PHE D 73 -6.83 -9.05 15.34
CA PHE D 73 -7.53 -9.32 16.61
C PHE D 73 -6.54 -9.46 17.77
N GLN D 74 -5.39 -10.08 17.49
CA GLN D 74 -4.31 -10.29 18.47
C GLN D 74 -3.73 -8.95 18.91
N GLN D 75 -3.51 -8.04 17.95
CA GLN D 75 -3.02 -6.70 18.28
C GLN D 75 -4.03 -5.86 19.06
N LEU D 76 -5.33 -6.05 18.83
CA LEU D 76 -6.39 -5.38 19.60
C LEU D 76 -6.43 -5.92 21.03
N LEU D 77 -6.64 -7.23 21.16
CA LEU D 77 -7.04 -7.90 22.42
C LEU D 77 -5.89 -8.55 23.20
N GLY D 78 -4.78 -8.90 22.53
CA GLY D 78 -3.66 -9.63 23.16
C GLY D 78 -4.09 -10.96 23.78
N ASP D 79 -3.51 -11.30 24.93
CA ASP D 79 -3.84 -12.57 25.60
C ASP D 79 -5.09 -12.51 26.50
N GLY D 80 -5.67 -11.31 26.63
CA GLY D 80 -6.87 -11.12 27.46
C GLY D 80 -6.65 -11.05 28.98
N SER D 81 -5.40 -11.11 29.40
CA SER D 81 -5.06 -11.07 30.81
C SER D 81 -5.61 -9.84 31.51
N ASN D 82 -5.68 -8.71 30.81
CA ASN D 82 -6.25 -7.48 31.36
C ASN D 82 -7.74 -7.52 31.68
N TRP D 83 -8.50 -8.43 31.06
CA TRP D 83 -9.92 -8.62 31.44
C TRP D 83 -10.15 -9.92 32.15
N GLY D 84 -9.10 -10.52 32.71
CA GLY D 84 -9.22 -11.80 33.42
C GLY D 84 -9.41 -12.97 32.50
N LEU D 85 -9.07 -12.82 31.22
CA LEU D 85 -9.29 -13.89 30.25
C LEU D 85 -7.98 -14.61 29.84
N ASP D 86 -8.17 -15.71 29.11
CA ASP D 86 -7.09 -16.49 28.50
C ASP D 86 -7.44 -16.64 27.03
N LEU D 87 -7.04 -15.66 26.22
CA LEU D 87 -7.32 -15.67 24.77
C LEU D 87 -6.14 -16.26 23.99
N GLN D 88 -6.46 -17.21 23.10
CA GLN D 88 -5.53 -17.72 22.09
C GLN D 88 -6.10 -17.50 20.69
N TYR D 89 -5.26 -17.66 19.66
CA TYR D 89 -5.63 -17.37 18.27
C TYR D 89 -5.28 -18.48 17.29
N ALA D 90 -6.06 -18.57 16.24
CA ALA D 90 -5.79 -19.54 15.21
C ALA D 90 -6.41 -19.05 13.92
N VAL D 91 -5.92 -19.60 12.81
CA VAL D 91 -6.24 -19.15 11.48
C VAL D 91 -7.10 -20.17 10.71
N GLN D 92 -8.13 -19.69 10.01
CA GLN D 92 -8.84 -20.49 9.00
C GLN D 92 -8.39 -20.02 7.60
N PRO D 93 -7.47 -20.76 6.92
CA PRO D 93 -6.93 -20.26 5.65
C PRO D 93 -7.98 -20.01 4.59
N SER D 94 -9.05 -20.79 4.58
CA SER D 94 -10.11 -20.66 3.60
C SER D 94 -11.52 -20.80 4.24
N PRO D 95 -12.49 -19.93 3.88
CA PRO D 95 -13.83 -20.13 4.44
C PRO D 95 -14.52 -21.42 3.90
N ASP D 96 -14.11 -22.58 4.44
CA ASP D 96 -14.60 -23.90 4.02
C ASP D 96 -15.67 -24.47 4.98
N GLY D 97 -16.35 -23.60 5.72
CA GLY D 97 -17.45 -24.05 6.57
C GLY D 97 -17.15 -23.84 8.03
N LEU D 98 -18.20 -23.59 8.79
CA LEU D 98 -18.13 -23.25 10.20
C LEU D 98 -17.60 -24.43 11.06
N ALA D 99 -17.91 -25.67 10.64
CA ALA D 99 -17.49 -26.89 11.38
C ALA D 99 -15.97 -27.08 11.43
N GLN D 100 -15.29 -26.48 10.48
CA GLN D 100 -13.81 -26.42 10.48
C GLN D 100 -13.21 -25.86 11.78
N ALA D 101 -13.95 -25.01 12.45
CA ALA D 101 -13.56 -24.48 13.76
C ALA D 101 -13.09 -25.58 14.69
N PHE D 102 -13.75 -26.72 14.67
CA PHE D 102 -13.42 -27.84 15.57
C PHE D 102 -12.16 -28.61 15.15
N LEU D 103 -11.83 -28.60 13.86
CA LEU D 103 -10.58 -29.18 13.34
C LEU D 103 -9.40 -28.27 13.63
N ILE D 104 -9.55 -26.99 13.28
CA ILE D 104 -8.56 -25.96 13.62
C ILE D 104 -8.41 -25.89 15.13
N GLY D 105 -9.55 -26.05 15.83
CA GLY D 105 -9.62 -25.88 17.29
C GLY D 105 -9.42 -27.15 18.08
N GLU D 106 -8.98 -28.21 17.40
CA GLU D 106 -8.83 -29.50 18.05
C GLU D 106 -7.90 -29.52 19.27
N SER D 107 -6.67 -29.05 19.13
CA SER D 107 -5.76 -29.16 20.25
C SER D 107 -6.15 -28.18 21.36
N PHE D 108 -6.72 -27.03 20.99
CA PHE D 108 -7.22 -26.07 21.99
C PHE D 108 -8.31 -26.70 22.85
N ILE D 109 -9.27 -27.36 22.20
CA ILE D 109 -10.38 -28.02 22.88
C ILE D 109 -9.90 -29.12 23.79
N GLY D 110 -8.87 -29.88 23.35
CA GLY D 110 -8.30 -30.94 24.14
C GLY D 110 -9.38 -31.96 24.46
N ASN D 111 -9.57 -32.25 25.74
CA ASN D 111 -10.58 -33.22 26.17
C ASN D 111 -11.74 -32.54 26.91
N ASP D 112 -11.92 -31.22 26.70
CA ASP D 112 -12.93 -30.47 27.43
C ASP D 112 -14.20 -30.25 26.63
N LEU D 113 -15.22 -29.76 27.34
CA LEU D 113 -16.48 -29.31 26.72
C LEU D 113 -16.17 -27.99 26.00
N SER D 114 -16.98 -27.62 25.02
CA SER D 114 -16.74 -26.36 24.31
C SER D 114 -18.03 -25.59 24.02
N ALA D 115 -17.87 -24.31 23.68
CA ALA D 115 -18.94 -23.47 23.13
C ALA D 115 -18.40 -22.74 21.92
N LEU D 116 -19.23 -22.65 20.87
CA LEU D 116 -18.93 -21.90 19.67
C LEU D 116 -19.93 -20.77 19.45
N VAL D 117 -19.39 -19.63 19.04
CA VAL D 117 -20.17 -18.43 18.75
C VAL D 117 -19.65 -17.76 17.46
N LEU D 118 -20.55 -17.30 16.63
CA LEU D 118 -20.19 -16.61 15.38
C LEU D 118 -19.91 -15.16 15.69
N GLY D 119 -18.82 -14.65 15.13
CA GLY D 119 -18.26 -13.32 15.44
C GLY D 119 -19.16 -12.12 15.11
N ASP D 120 -20.21 -12.35 14.35
CA ASP D 120 -21.10 -11.30 13.97
C ASP D 120 -22.55 -11.51 14.46
N ASN D 121 -22.71 -12.28 15.53
CA ASN D 121 -24.03 -12.49 16.09
C ASN D 121 -24.10 -11.64 17.35
N LEU D 122 -25.17 -10.86 17.43
CA LEU D 122 -25.44 -9.96 18.55
C LEU D 122 -26.66 -10.47 19.32
N TYR D 123 -26.53 -10.60 20.66
CA TYR D 123 -27.62 -11.06 21.54
C TYR D 123 -27.97 -10.01 22.59
N TYR D 124 -29.26 -9.92 22.94
CA TYR D 124 -29.72 -9.09 24.05
C TYR D 124 -30.96 -9.65 24.72
N GLY D 125 -31.00 -9.64 26.05
CA GLY D 125 -32.27 -9.78 26.76
C GLY D 125 -32.21 -10.14 28.22
N HIS D 126 -33.38 -10.18 28.84
CA HIS D 126 -33.51 -10.42 30.26
C HIS D 126 -33.22 -11.86 30.59
N ASP D 127 -32.47 -12.07 31.68
CA ASP D 127 -32.00 -13.40 32.07
C ASP D 127 -31.22 -14.13 30.96
N PHE D 128 -30.53 -13.41 30.08
CA PHE D 128 -29.65 -14.07 29.09
C PHE D 128 -28.57 -14.89 29.81
N HIS D 129 -28.03 -14.35 30.92
CA HIS D 129 -27.08 -15.06 31.78
C HIS D 129 -27.57 -16.47 32.11
N GLU D 130 -28.84 -16.55 32.51
CA GLU D 130 -29.49 -17.81 32.95
C GLU D 130 -29.76 -18.77 31.79
N LEU D 131 -30.22 -18.24 30.66
CA LEU D 131 -30.36 -19.03 29.46
C LEU D 131 -29.06 -19.74 29.04
N LEU D 132 -27.93 -19.02 29.10
CA LEU D 132 -26.62 -19.56 28.77
C LEU D 132 -26.13 -20.57 29.82
N GLY D 133 -26.27 -20.20 31.09
CA GLY D 133 -25.92 -21.08 32.20
C GLY D 133 -26.59 -22.45 32.11
N SER D 134 -27.88 -22.46 31.80
CA SER D 134 -28.57 -23.72 31.74
C SER D 134 -28.01 -24.57 30.58
N ALA D 135 -27.66 -23.97 29.45
CA ALA D 135 -27.05 -24.72 28.35
C ALA D 135 -25.66 -25.28 28.71
N SER D 136 -24.82 -24.46 29.31
CA SER D 136 -23.44 -24.89 29.59
C SER D 136 -23.36 -25.91 30.72
N GLN D 137 -24.32 -25.91 31.63
CA GLN D 137 -24.40 -26.92 32.70
C GLN D 137 -24.76 -28.34 32.22
N ARG D 138 -25.49 -28.47 31.10
CA ARG D 138 -25.75 -29.78 30.48
C ARG D 138 -24.43 -30.24 29.94
N GLN D 139 -23.83 -31.23 30.61
CA GLN D 139 -22.48 -31.65 30.33
C GLN D 139 -22.38 -32.78 29.32
N THR D 140 -23.49 -33.27 28.80
CA THR D 140 -23.45 -34.23 27.72
C THR D 140 -24.30 -33.70 26.58
N GLY D 141 -24.02 -34.21 25.39
CA GLY D 141 -24.71 -33.80 24.19
C GLY D 141 -24.35 -32.41 23.75
N ALA D 142 -25.25 -31.82 22.98
CA ALA D 142 -25.10 -30.50 22.43
C ALA D 142 -26.31 -29.68 22.76
N SER D 143 -26.13 -28.37 22.86
CA SER D 143 -27.25 -27.44 23.09
C SER D 143 -27.20 -26.25 22.14
N VAL D 144 -28.33 -26.04 21.46
CA VAL D 144 -28.55 -24.93 20.56
C VAL D 144 -29.89 -24.24 20.88
N PHE D 145 -30.08 -23.07 20.26
CA PHE D 145 -31.24 -22.24 20.50
C PHE D 145 -31.88 -21.95 19.18
N ALA D 146 -33.22 -22.00 19.19
CA ALA D 146 -34.05 -21.77 18.03
C ALA D 146 -34.79 -20.48 18.26
N TYR D 147 -34.79 -19.60 17.27
CA TYR D 147 -35.37 -18.27 17.36
C TYR D 147 -36.27 -18.03 16.15
N HIS D 148 -37.49 -17.57 16.41
CA HIS D 148 -38.45 -17.34 15.34
C HIS D 148 -37.96 -16.15 14.47
N VAL D 149 -37.88 -16.34 13.15
CA VAL D 149 -37.46 -15.26 12.23
C VAL D 149 -38.33 -15.12 11.00
N LEU D 150 -38.19 -13.97 10.33
CA LEU D 150 -38.92 -13.75 9.08
C LEU D 150 -38.32 -14.51 7.88
N ASP D 151 -37.02 -14.76 7.86
CA ASP D 151 -36.36 -15.25 6.65
C ASP D 151 -35.60 -16.55 6.90
N PRO D 152 -36.32 -17.62 7.24
CA PRO D 152 -35.63 -18.81 7.74
C PRO D 152 -34.76 -19.55 6.71
N GLU D 153 -34.98 -19.30 5.42
CA GLU D 153 -34.11 -19.79 4.30
C GLU D 153 -32.64 -19.36 4.44
N ARG D 154 -32.38 -18.31 5.20
CA ARG D 154 -31.02 -17.83 5.38
C ARG D 154 -30.26 -18.62 6.42
N TYR D 155 -30.91 -19.53 7.15
CA TYR D 155 -30.27 -20.23 8.26
C TYR D 155 -30.48 -21.72 8.23
N GLY D 156 -29.83 -22.36 9.21
CA GLY D 156 -30.22 -23.69 9.68
C GLY D 156 -31.60 -23.61 10.32
N VAL D 157 -32.52 -24.46 9.85
CA VAL D 157 -33.92 -24.45 10.26
C VAL D 157 -34.29 -25.72 11.02
N VAL D 158 -35.00 -25.54 12.13
CA VAL D 158 -35.41 -26.60 13.03
C VAL D 158 -36.89 -26.82 12.80
N GLU D 159 -37.28 -28.08 12.67
CA GLU D 159 -38.67 -28.51 12.55
C GLU D 159 -39.03 -29.20 13.85
N PHE D 160 -40.17 -28.83 14.44
CA PHE D 160 -40.69 -29.51 15.62
C PHE D 160 -41.94 -30.33 15.27
N ASP D 161 -42.18 -31.42 16.01
CA ASP D 161 -43.45 -32.18 15.94
C ASP D 161 -44.51 -31.47 16.83
N GLN D 162 -45.72 -32.02 16.89
CA GLN D 162 -46.78 -31.46 17.73
C GLN D 162 -46.41 -31.28 19.22
N GLY D 163 -45.54 -32.12 19.75
CA GLY D 163 -45.15 -32.05 21.15
C GLY D 163 -43.94 -31.16 21.42
N GLY D 164 -43.50 -30.38 20.44
CA GLY D 164 -42.35 -29.51 20.61
C GLY D 164 -40.99 -30.17 20.43
N LYS D 165 -40.89 -31.47 20.17
CA LYS D 165 -39.55 -32.07 20.05
C LYS D 165 -38.96 -31.77 18.62
N ALA D 166 -37.68 -31.41 18.58
CA ALA D 166 -37.00 -31.17 17.30
C ALA D 166 -36.89 -32.49 16.54
N ILE D 167 -37.27 -32.49 15.25
CA ILE D 167 -37.24 -33.71 14.40
C ILE D 167 -36.40 -33.61 13.12
N SER D 168 -36.16 -32.40 12.60
CA SER D 168 -35.21 -32.23 11.49
C SER D 168 -34.39 -30.93 11.58
N LEU D 169 -33.35 -30.89 10.78
CA LEU D 169 -32.47 -29.75 10.65
C LEU D 169 -32.04 -29.65 9.20
N GLU D 170 -32.29 -28.52 8.58
CA GLU D 170 -31.94 -28.28 7.18
C GLU D 170 -31.18 -26.96 7.07
N GLU D 171 -30.07 -27.01 6.33
CA GLU D 171 -29.24 -25.84 6.14
C GLU D 171 -29.73 -25.08 4.90
N LYS D 172 -30.27 -23.89 5.12
CA LYS D 172 -30.74 -23.01 4.04
C LYS D 172 -31.72 -23.69 3.08
N PRO D 173 -32.84 -24.23 3.63
CA PRO D 173 -33.80 -24.94 2.77
C PRO D 173 -34.54 -23.95 1.87
N LEU D 174 -34.70 -24.28 0.59
CA LEU D 174 -35.54 -23.50 -0.31
C LEU D 174 -37.02 -23.57 0.10
N GLU D 175 -37.42 -24.63 0.79
CA GLU D 175 -38.75 -24.75 1.38
C GLU D 175 -38.67 -25.05 2.89
N PRO D 176 -38.52 -23.99 3.71
CA PRO D 176 -38.31 -24.21 5.15
C PRO D 176 -39.49 -24.85 5.85
N LYS D 177 -39.21 -25.80 6.73
CA LYS D 177 -40.24 -26.53 7.47
C LYS D 177 -40.85 -25.72 8.62
N SER D 178 -40.14 -24.68 9.08
CA SER D 178 -40.61 -23.80 10.13
C SER D 178 -39.95 -22.43 9.97
N ASN D 179 -40.32 -21.51 10.87
CA ASN D 179 -39.71 -20.19 10.94
C ASN D 179 -38.69 -20.11 12.07
N TYR D 180 -38.26 -21.27 12.59
CA TYR D 180 -37.28 -21.30 13.67
C TYR D 180 -35.89 -21.53 13.15
N ALA D 181 -35.05 -20.50 13.24
CA ALA D 181 -33.66 -20.54 12.85
C ALA D 181 -32.81 -20.92 14.05
N VAL D 182 -31.73 -21.67 13.84
CA VAL D 182 -30.74 -22.04 14.88
C VAL D 182 -29.82 -20.86 14.99
N THR D 183 -29.64 -20.29 16.17
CA THR D 183 -28.83 -19.08 16.32
C THR D 183 -27.36 -19.45 16.26
N GLY D 184 -26.50 -18.45 16.17
CA GLY D 184 -25.03 -18.68 16.08
C GLY D 184 -24.34 -18.82 17.42
N LEU D 185 -24.93 -19.66 18.27
CA LEU D 185 -24.39 -19.98 19.57
C LEU D 185 -24.66 -21.47 19.81
N TYR D 186 -23.58 -22.23 20.03
CA TYR D 186 -23.63 -23.69 20.13
C TYR D 186 -22.77 -24.19 21.32
N PHE D 187 -23.33 -25.10 22.11
CA PHE D 187 -22.65 -25.72 23.25
C PHE D 187 -22.45 -27.19 22.93
N TYR D 188 -21.26 -27.72 23.21
CA TYR D 188 -20.90 -29.11 22.83
C TYR D 188 -20.14 -29.86 23.89
N ASP D 189 -20.32 -31.18 23.90
CA ASP D 189 -19.56 -32.08 24.77
C ASP D 189 -18.27 -32.55 24.05
N GLN D 190 -17.64 -33.62 24.56
CA GLN D 190 -16.36 -34.10 24.09
C GLN D 190 -16.42 -34.85 22.76
N GLN D 191 -17.62 -35.08 22.24
CA GLN D 191 -17.79 -35.76 20.95
C GLN D 191 -17.57 -34.89 19.70
N VAL D 192 -17.61 -33.56 19.82
CA VAL D 192 -17.75 -32.69 18.62
C VAL D 192 -16.58 -32.77 17.64
N VAL D 193 -15.37 -32.89 18.16
CA VAL D 193 -14.19 -33.02 17.27
C VAL D 193 -14.27 -34.27 16.38
N ASP D 194 -14.55 -35.42 16.99
CA ASP D 194 -14.71 -36.66 16.25
C ASP D 194 -15.89 -36.68 15.28
N ILE D 195 -16.95 -35.96 15.59
CA ILE D 195 -18.05 -35.78 14.63
C ILE D 195 -17.56 -34.89 13.50
N ALA D 196 -16.85 -33.80 13.85
CA ALA D 196 -16.35 -32.85 12.84
C ALA D 196 -15.37 -33.53 11.85
N ARG D 197 -14.36 -34.20 12.40
CA ARG D 197 -13.44 -35.02 11.61
C ARG D 197 -14.09 -36.04 10.63
N ASP D 198 -15.20 -36.69 11.02
CA ASP D 198 -15.92 -37.66 10.13
C ASP D 198 -16.93 -37.04 9.14
N LEU D 199 -17.04 -35.72 9.07
CA LEU D 199 -17.92 -35.07 8.09
C LEU D 199 -17.30 -35.14 6.70
N LYS D 200 -18.16 -35.10 5.68
CA LYS D 200 -17.75 -34.87 4.28
C LYS D 200 -18.24 -33.46 3.90
N PRO D 201 -17.57 -32.77 2.94
CA PRO D 201 -18.11 -31.49 2.47
C PRO D 201 -19.50 -31.62 1.84
N SER D 202 -20.30 -30.55 1.95
CA SER D 202 -21.64 -30.50 1.34
C SER D 202 -21.55 -30.30 -0.19
N PRO D 203 -22.70 -30.34 -0.91
CA PRO D 203 -22.75 -29.93 -2.31
C PRO D 203 -22.04 -28.60 -2.62
N ARG D 204 -22.31 -27.57 -1.82
CA ARG D 204 -21.69 -26.24 -2.00
C ARG D 204 -20.16 -26.21 -1.73
N GLY D 205 -19.68 -27.13 -0.87
CA GLY D 205 -18.24 -27.30 -0.58
C GLY D 205 -17.82 -26.84 0.80
N GLU D 206 -18.68 -27.06 1.81
CA GLU D 206 -18.45 -26.58 3.17
C GLU D 206 -18.61 -27.70 4.20
N LEU D 207 -17.81 -27.66 5.26
CA LEU D 207 -18.07 -28.47 6.46
C LEU D 207 -19.11 -27.70 7.26
N GLU D 208 -20.34 -28.20 7.22
CA GLU D 208 -21.50 -27.49 7.73
C GLU D 208 -21.67 -27.69 9.25
N ILE D 209 -21.94 -26.62 9.99
CA ILE D 209 -22.31 -26.73 11.41
C ILE D 209 -23.65 -27.48 11.62
N THR D 210 -24.58 -27.32 10.69
CA THR D 210 -25.86 -28.06 10.71
C THR D 210 -25.70 -29.58 10.66
N ASP D 211 -24.65 -30.05 9.98
CA ASP D 211 -24.33 -31.49 9.95
C ASP D 211 -23.80 -31.98 11.28
N VAL D 212 -23.03 -31.15 11.98
CA VAL D 212 -22.58 -31.47 13.34
C VAL D 212 -23.81 -31.60 14.23
N ASN D 213 -24.71 -30.61 14.15
CA ASN D 213 -25.95 -30.61 14.93
C ASN D 213 -26.91 -31.75 14.57
N ARG D 214 -27.05 -32.06 13.28
CA ARG D 214 -27.84 -33.23 12.87
C ARG D 214 -27.28 -34.55 13.43
N ALA D 215 -25.95 -34.66 13.48
CA ALA D 215 -25.31 -35.86 14.07
C ALA D 215 -25.64 -36.07 15.55
N TYR D 216 -25.71 -35.00 16.34
CA TYR D 216 -26.23 -35.08 17.74
C TYR D 216 -27.74 -35.42 17.79
N LEU D 217 -28.53 -34.78 16.94
CA LEU D 217 -29.97 -35.07 16.87
C LEU D 217 -30.22 -36.56 16.54
N GLU D 218 -29.44 -37.11 15.60
CA GLU D 218 -29.55 -38.53 15.26
C GLU D 218 -29.30 -39.47 16.44
N ARG D 219 -28.40 -39.08 17.36
CA ARG D 219 -28.17 -39.82 18.60
C ARG D 219 -29.15 -39.50 19.73
N GLY D 220 -30.13 -38.62 19.46
CA GLY D 220 -31.00 -38.09 20.50
C GLY D 220 -30.30 -37.30 21.58
N GLN D 221 -29.22 -36.58 21.20
CA GLN D 221 -28.44 -35.79 22.16
C GLN D 221 -28.35 -34.28 21.84
N LEU D 222 -29.25 -33.80 20.98
CA LEU D 222 -29.35 -32.38 20.68
C LEU D 222 -30.47 -31.76 21.52
N SER D 223 -30.11 -30.91 22.46
CA SER D 223 -31.12 -30.09 23.11
C SER D 223 -31.35 -28.81 22.26
N VAL D 224 -32.60 -28.54 21.88
CA VAL D 224 -32.97 -27.35 21.14
C VAL D 224 -33.92 -26.54 22.01
N GLU D 225 -33.40 -25.53 22.70
CA GLU D 225 -34.25 -24.63 23.50
C GLU D 225 -34.70 -23.41 22.70
N ILE D 226 -35.88 -22.91 23.01
CA ILE D 226 -36.41 -21.69 22.37
C ILE D 226 -35.72 -20.47 22.98
N MET D 227 -35.21 -19.60 22.11
CA MET D 227 -34.82 -18.27 22.55
C MET D 227 -36.09 -17.47 22.25
N GLY D 228 -36.74 -17.03 23.31
CA GLY D 228 -38.00 -16.32 23.17
C GLY D 228 -37.94 -15.00 22.37
N ARG D 229 -39.13 -14.57 21.96
CA ARG D 229 -39.32 -13.29 21.25
C ARG D 229 -38.97 -12.04 22.07
N GLY D 230 -38.92 -12.19 23.38
CA GLY D 230 -38.41 -11.19 24.26
C GLY D 230 -36.91 -10.99 24.20
N TYR D 231 -36.16 -11.89 23.55
CA TYR D 231 -34.73 -11.68 23.28
C TYR D 231 -34.54 -11.08 21.92
N ALA D 232 -33.53 -10.24 21.76
CA ALA D 232 -33.09 -9.77 20.47
C ALA D 232 -31.90 -10.59 20.04
N TRP D 233 -32.05 -11.29 18.91
CA TRP D 233 -30.91 -11.90 18.23
C TRP D 233 -30.80 -11.16 16.90
N LEU D 234 -29.69 -10.46 16.71
CA LEU D 234 -29.46 -9.67 15.52
C LEU D 234 -28.23 -10.16 14.79
N ASP D 235 -28.34 -10.03 13.48
CA ASP D 235 -27.30 -10.39 12.52
C ASP D 235 -26.63 -9.11 12.00
N THR D 236 -25.36 -9.22 11.72
CA THR D 236 -24.53 -8.07 11.51
C THR D 236 -23.68 -8.29 10.25
N GLY D 237 -24.13 -9.17 9.35
CA GLY D 237 -23.35 -9.54 8.17
C GLY D 237 -23.51 -8.68 6.92
N THR D 238 -24.48 -7.75 6.88
CA THR D 238 -24.60 -6.78 5.78
C THR D 238 -24.45 -5.35 6.27
N HIS D 239 -24.25 -4.42 5.32
CA HIS D 239 -24.22 -3.00 5.65
C HIS D 239 -25.51 -2.55 6.31
N ASP D 240 -26.65 -3.02 5.78
CA ASP D 240 -27.96 -2.69 6.34
C ASP D 240 -28.19 -3.26 7.73
N SER D 241 -27.94 -4.55 7.95
CA SER D 241 -28.14 -5.11 9.28
C SER D 241 -27.16 -4.52 10.32
N LEU D 242 -25.94 -4.17 9.89
CA LEU D 242 -24.94 -3.59 10.80
C LEU D 242 -25.42 -2.22 11.29
N LEU D 243 -25.89 -1.43 10.36
CA LEU D 243 -26.52 -0.17 10.66
C LEU D 243 -27.72 -0.31 11.63
N GLU D 244 -28.60 -1.30 11.37
CA GLU D 244 -29.75 -1.58 12.25
C GLU D 244 -29.32 -1.99 13.65
N ALA D 245 -28.32 -2.85 13.74
CA ALA D 245 -27.76 -3.26 15.03
C ALA D 245 -27.22 -2.10 15.83
N GLY D 246 -26.49 -1.20 15.15
CA GLY D 246 -25.97 0.05 15.74
C GLY D 246 -27.08 0.91 16.34
N GLN D 247 -28.15 1.14 15.58
CA GLN D 247 -29.30 1.96 16.06
C GLN D 247 -29.95 1.33 17.26
N PHE D 248 -30.09 0.01 17.22
CA PHE D 248 -30.71 -0.75 18.29
C PHE D 248 -29.93 -0.68 19.61
N ILE D 249 -28.61 -0.87 19.53
CA ILE D 249 -27.73 -0.76 20.70
C ILE D 249 -27.70 0.69 21.20
N ALA D 250 -27.65 1.67 20.31
CA ALA D 250 -27.58 3.08 20.72
C ALA D 250 -28.86 3.51 21.42
N THR D 251 -30.00 3.11 20.90
CA THR D 251 -31.28 3.35 21.58
C THR D 251 -31.30 2.81 23.02
N LEU D 252 -30.90 1.54 23.21
CA LEU D 252 -30.85 0.97 24.54
C LEU D 252 -29.86 1.71 25.48
N GLU D 253 -28.64 1.92 25.00
CA GLU D 253 -27.56 2.50 25.82
C GLU D 253 -27.86 3.93 26.24
N ASN D 254 -28.41 4.72 25.32
CA ASN D 254 -28.77 6.15 25.62
C ASN D 254 -29.96 6.33 26.52
N ARG D 255 -30.88 5.37 26.45
CA ARG D 255 -31.99 5.29 27.36
C ARG D 255 -31.51 4.94 28.78
N GLN D 256 -30.69 3.91 28.89
CA GLN D 256 -30.36 3.31 30.16
C GLN D 256 -29.19 4.00 30.89
N GLY D 257 -28.29 4.63 30.13
CA GLY D 257 -26.97 5.06 30.63
C GLY D 257 -26.19 3.85 31.05
N LEU D 258 -26.42 2.71 30.37
CA LEU D 258 -25.70 1.45 30.60
C LEU D 258 -25.30 0.88 29.25
N LYS D 259 -24.21 0.11 29.23
CA LYS D 259 -23.73 -0.48 28.01
C LYS D 259 -24.20 -1.92 27.84
N VAL D 260 -24.40 -2.31 26.58
CA VAL D 260 -24.59 -3.71 26.21
C VAL D 260 -23.25 -4.25 25.75
N ALA D 261 -22.84 -5.39 26.30
CA ALA D 261 -21.66 -6.11 25.84
C ALA D 261 -20.35 -5.31 25.97
N CYS D 262 -20.14 -4.71 27.13
CA CYS D 262 -18.88 -4.06 27.50
C CYS D 262 -18.09 -5.16 28.23
N PRO D 263 -17.01 -5.69 27.60
CA PRO D 263 -16.32 -6.83 28.22
C PRO D 263 -15.76 -6.55 29.62
N GLU D 264 -15.33 -5.32 29.86
CA GLU D 264 -14.76 -4.95 31.15
C GLU D 264 -15.81 -5.08 32.26
N GLU D 265 -17.04 -4.63 31.98
CA GLU D 265 -18.15 -4.79 32.90
C GLU D 265 -18.42 -6.27 33.18
N ILE D 266 -18.51 -7.10 32.16
CA ILE D 266 -18.80 -8.51 32.40
C ILE D 266 -17.72 -9.19 33.24
N ALA D 267 -16.45 -8.90 32.95
CA ALA D 267 -15.34 -9.43 33.73
C ALA D 267 -15.46 -9.01 35.19
N TYR D 268 -15.69 -7.72 35.39
CA TYR D 268 -15.89 -7.17 36.71
C TYR D 268 -17.01 -7.86 37.46
N ARG D 269 -18.19 -7.91 36.84
CA ARG D 269 -19.34 -8.55 37.48
C ARG D 269 -19.10 -10.03 37.71
N GLN D 270 -18.35 -10.68 36.82
CA GLN D 270 -17.93 -12.07 37.07
C GLN D 270 -16.85 -12.25 38.19
N LYS D 271 -16.21 -11.15 38.59
CA LYS D 271 -15.15 -11.11 39.62
C LYS D 271 -13.85 -11.69 39.10
N TRP D 272 -13.71 -11.65 37.77
CA TRP D 272 -12.51 -12.08 37.11
C TRP D 272 -11.47 -10.99 37.17
N ILE D 273 -11.93 -9.74 37.20
CA ILE D 273 -11.09 -8.59 37.51
C ILE D 273 -11.70 -7.86 38.72
N ASP D 274 -10.86 -7.18 39.50
CA ASP D 274 -11.32 -6.47 40.69
C ASP D 274 -11.36 -4.98 40.42
N ALA D 275 -11.83 -4.23 41.41
CA ALA D 275 -11.95 -2.77 41.29
C ALA D 275 -10.63 -2.07 40.96
N ALA D 276 -9.52 -2.50 41.55
CA ALA D 276 -8.23 -1.82 41.30
C ALA D 276 -7.82 -1.95 39.82
N GLN D 277 -8.08 -3.12 39.25
CA GLN D 277 -7.81 -3.37 37.83
C GLN D 277 -8.81 -2.67 36.89
N LEU D 278 -10.09 -2.69 37.23
CA LEU D 278 -11.08 -1.93 36.46
C LEU D 278 -10.70 -0.47 36.44
N GLU D 279 -10.18 0.05 37.54
CA GLU D 279 -9.74 1.45 37.55
C GLU D 279 -8.53 1.69 36.64
N LYS D 280 -7.63 0.71 36.55
CA LYS D 280 -6.48 0.76 35.65
C LYS D 280 -6.89 0.79 34.18
N LEU D 281 -7.81 -0.10 33.83
CA LEU D 281 -8.40 -0.10 32.49
C LEU D 281 -9.18 1.17 32.17
N ALA D 282 -9.83 1.79 33.17
CA ALA D 282 -10.49 3.08 32.95
C ALA D 282 -9.52 4.24 32.69
N ALA D 283 -8.30 4.18 33.24
CA ALA D 283 -7.36 5.29 33.10
C ALA D 283 -7.14 5.79 31.66
N PRO D 284 -6.68 4.94 30.73
CA PRO D 284 -6.44 5.46 29.37
C PRO D 284 -7.69 5.92 28.58
N LEU D 285 -8.89 5.50 29.04
CA LEU D 285 -10.15 5.80 28.36
C LEU D 285 -10.92 6.93 29.03
N ALA D 286 -10.27 7.60 30.01
CA ALA D 286 -10.94 8.55 30.90
C ALA D 286 -11.50 9.77 30.19
N LYS D 287 -10.86 10.19 29.10
CA LYS D 287 -11.29 11.39 28.36
C LYS D 287 -12.49 11.17 27.41
N ASN D 288 -12.99 9.94 27.32
CA ASN D 288 -14.22 9.66 26.58
C ASN D 288 -15.26 9.02 27.50
N GLY D 289 -16.47 8.89 26.97
CA GLY D 289 -17.60 8.31 27.68
C GLY D 289 -17.40 6.87 28.16
N TYR D 290 -16.59 6.10 27.45
CA TYR D 290 -16.41 4.68 27.76
C TYR D 290 -15.58 4.46 29.04
N GLY D 291 -14.48 5.19 29.21
CA GLY D 291 -13.74 5.20 30.48
C GLY D 291 -14.50 5.84 31.65
N GLN D 292 -15.21 6.92 31.37
CA GLN D 292 -16.10 7.55 32.36
C GLN D 292 -17.11 6.53 32.86
N TYR D 293 -17.63 5.71 31.95
CA TYR D 293 -18.56 4.63 32.31
C TYR D 293 -17.87 3.53 33.12
N LEU D 294 -16.61 3.18 32.80
CA LEU D 294 -15.87 2.21 33.62
C LEU D 294 -15.61 2.76 35.03
N LYS D 295 -15.30 4.05 35.12
CA LYS D 295 -15.10 4.74 36.41
C LYS D 295 -16.37 4.75 37.25
N ARG D 296 -17.47 5.17 36.60
CA ARG D 296 -18.79 5.13 37.20
C ARG D 296 -19.16 3.73 37.68
N LEU D 297 -18.72 2.68 36.99
CA LEU D 297 -19.01 1.31 37.45
C LEU D 297 -18.44 0.95 38.83
N LEU D 298 -17.42 1.66 39.30
CA LEU D 298 -16.80 1.38 40.61
C LEU D 298 -17.67 1.83 41.78
N THR D 299 -18.41 2.94 41.60
CA THR D 299 -19.12 3.58 42.70
C THR D 299 -20.63 3.54 42.56
N GLU D 300 -21.16 2.79 41.61
CA GLU D 300 -22.61 2.74 41.44
C GLU D 300 -23.12 1.33 41.53
N THR D 301 -24.14 1.13 42.34
CA THR D 301 -24.84 -0.13 42.42
C THR D 301 -25.79 -0.22 41.22
N VAL D 302 -25.61 -1.24 40.39
CA VAL D 302 -26.49 -1.52 39.25
C VAL D 302 -27.07 -2.91 39.42
N TYR D 303 -28.40 -3.00 39.52
CA TYR D 303 -29.06 -4.27 39.81
C TYR D 303 -29.25 -5.09 38.54
#